data_8I9G
#
_entry.id   8I9G
#
_cell.length_a   1.00
_cell.length_b   1.00
_cell.length_c   1.00
_cell.angle_alpha   90.00
_cell.angle_beta   90.00
_cell.angle_gamma   90.00
#
_symmetry.space_group_name_H-M   'P 1'
#
loop_
_entity.id
_entity.type
_entity.pdbx_description
1 polymer 'Processed angiotensin-converting enzyme 2'
2 polymer "Spike protein S2'"
3 branched 2-acetamido-2-deoxy-beta-D-glucopyranose-(1-4)-2-acetamido-2-deoxy-beta-D-glucopyranose
4 non-polymer 2-acetamido-2-deoxy-beta-D-glucopyranose
#
loop_
_entity_poly.entity_id
_entity_poly.type
_entity_poly.pdbx_seq_one_letter_code
_entity_poly.pdbx_strand_id
1 'polypeptide(L)'
;MGVKVLFALICIAVAEAGTSTIEEQAKTFLDKFNHEAEDLFYQSSLASWNYNTNITEENVQNMNNAGDKWSAFLKEQSTL
AQMYPLQEIQNLTVKLQLQALQQNGSSVLSEDKSKRLNTILNTMSTIYSTGKVCNPDNPQECLLLEPGLNEIMANSLDYN
ERLWAWESWRSEVGKQLRPLYEEYVVLKNEMARANHYEDYGDYWRGDYEVNGVDGYDYSRGQLIEDVEHTFEEIKPLYEH
LHAYVRAKLMNAYPSYISPIGCLPAHLLGDMWGRFWTNLYSLTVPFGQKPNIDVTDAMVDQAWDAQRIFKEAEKFFVSVG
LPNMTQGFWENSMLTDPGNVQKAVCHPTAWDLGKGDFRILMCTKVTMDDFLTAHHEMGHIQYDMAYAAQPFLLRNGANEG
FHEAVGEIMSLSAATPKHLKSIGLLSPDFQEDNETEINFLLKQALTIVGTLPFTYMLEKWRWMVFKGEIPKDQWMKKWWE
MKREIVGVVEPVPHDETYCDPASLFHVSNDYSFIRYYTRTLYQFQFQEALCQAAKHEGPLHKCDISNSTEAGQKLFNMLR
LGKSEPWTLALENVVGAKNMNVRPLLNYFEPLFTWLKDQNKNSFVGWSTDWSPYAD
;
D
2 'polypeptide(L)'
;RVQPTESIVRFPNITNLCPFDEVFNATTFASVYAWNRKRISNCVADYSVLYNFAPFFAFKCYGVSPTKLNDLCFTNVYAD
SFVIRGNEVSQIAPGQTGNIADYNYKLPDDFTGCVIAWNSNKLDSKVGGNYNYRYRLFRKSNLKPFERDISTEIYQAGNK
PCNGVAGVNCYFPLQSYGFRPTYGVGHQPYRVVVLSFELLHAPATVCGPKKSTNLVKNKCVNF
;
A
#
loop_
_chem_comp.id
_chem_comp.type
_chem_comp.name
_chem_comp.formula
NAG D-saccharide, beta linking 2-acetamido-2-deoxy-beta-D-glucopyranose 'C8 H15 N O6'
#
# COMPACT_ATOMS: atom_id res chain seq x y z
N SER A 20 -27.33 3.68 -25.72
CA SER A 20 -26.80 2.71 -26.66
C SER A 20 -25.42 3.12 -27.16
N THR A 21 -24.99 4.33 -26.80
CA THR A 21 -23.70 4.84 -27.23
C THR A 21 -22.56 4.03 -26.61
N ILE A 22 -21.35 4.29 -27.10
CA ILE A 22 -20.18 3.54 -26.68
C ILE A 22 -19.75 3.87 -25.25
N GLU A 23 -20.26 4.97 -24.69
CA GLU A 23 -19.91 5.33 -23.33
C GLU A 23 -20.76 4.60 -22.29
N GLU A 24 -22.08 4.53 -22.52
CA GLU A 24 -22.98 3.91 -21.54
C GLU A 24 -22.71 2.43 -21.34
N GLN A 25 -22.22 1.73 -22.35
CA GLN A 25 -21.91 0.31 -22.19
C GLN A 25 -20.69 0.08 -21.32
N ALA A 26 -19.79 1.07 -21.25
CA ALA A 26 -18.63 0.94 -20.39
C ALA A 26 -19.02 0.80 -18.93
N LYS A 27 -19.97 1.62 -18.48
CA LYS A 27 -20.42 1.52 -17.09
C LYS A 27 -21.11 0.18 -16.82
N THR A 28 -21.93 -0.28 -17.77
CA THR A 28 -22.58 -1.57 -17.64
C THR A 28 -21.56 -2.69 -17.48
N PHE A 29 -20.47 -2.65 -18.26
CA PHE A 29 -19.43 -3.66 -18.12
C PHE A 29 -18.69 -3.50 -16.79
N LEU A 30 -18.43 -2.25 -16.39
CA LEU A 30 -17.63 -2.00 -15.20
C LEU A 30 -18.34 -2.47 -13.94
N ASP A 31 -19.67 -2.39 -13.90
CA ASP A 31 -20.40 -2.85 -12.71
C ASP A 31 -20.17 -4.34 -12.45
N LYS A 32 -20.45 -5.16 -13.46
CA LYS A 32 -20.26 -6.60 -13.34
C LYS A 32 -18.81 -6.93 -13.03
N PHE A 33 -17.88 -6.24 -13.70
CA PHE A 33 -16.47 -6.50 -13.41
C PHE A 33 -16.16 -6.20 -11.95
N ASN A 34 -16.63 -5.05 -11.45
CA ASN A 34 -16.37 -4.68 -10.06
C ASN A 34 -16.84 -5.77 -9.12
N HIS A 35 -18.07 -6.25 -9.31
CA HIS A 35 -18.62 -7.21 -8.34
C HIS A 35 -17.85 -8.54 -8.37
N GLU A 36 -17.70 -9.13 -9.57
CA GLU A 36 -17.01 -10.40 -9.63
C GLU A 36 -15.56 -10.28 -9.17
N ALA A 37 -14.93 -9.13 -9.46
CA ALA A 37 -13.54 -8.93 -9.05
C ALA A 37 -13.42 -8.84 -7.54
N GLU A 38 -14.32 -8.11 -6.89
CA GLU A 38 -14.31 -8.07 -5.43
C GLU A 38 -14.40 -9.47 -4.84
N ASP A 39 -15.34 -10.27 -5.34
CA ASP A 39 -15.52 -11.63 -4.80
C ASP A 39 -14.23 -12.45 -4.97
N LEU A 40 -13.73 -12.53 -6.19
CA LEU A 40 -12.58 -13.39 -6.45
C LEU A 40 -11.33 -12.91 -5.72
N PHE A 41 -11.15 -11.59 -5.65
CA PHE A 41 -10.00 -11.05 -4.95
C PHE A 41 -10.07 -11.35 -3.46
N TYR A 42 -11.26 -11.28 -2.86
CA TYR A 42 -11.36 -11.65 -1.45
C TYR A 42 -10.99 -13.11 -1.25
N GLN A 43 -11.47 -14.00 -2.12
CA GLN A 43 -11.11 -15.41 -1.98
C GLN A 43 -9.60 -15.60 -2.06
N SER A 44 -8.96 -14.98 -3.05
CA SER A 44 -7.53 -15.13 -3.22
C SER A 44 -6.76 -14.59 -2.01
N SER A 45 -7.14 -13.42 -1.51
CA SER A 45 -6.43 -12.84 -0.39
C SER A 45 -6.61 -13.67 0.87
N LEU A 46 -7.80 -14.23 1.08
CA LEU A 46 -8.01 -15.08 2.24
C LEU A 46 -7.13 -16.33 2.17
N ALA A 47 -7.03 -16.94 0.98
CA ALA A 47 -6.15 -18.09 0.83
C ALA A 47 -4.70 -17.70 1.13
N SER A 48 -4.25 -16.58 0.59
CA SER A 48 -2.87 -16.15 0.80
C SER A 48 -2.59 -15.90 2.28
N TRP A 49 -3.55 -15.28 2.99
CA TRP A 49 -3.36 -15.04 4.41
C TRP A 49 -3.30 -16.35 5.19
N ASN A 50 -4.25 -17.26 4.92
CA ASN A 50 -4.26 -18.53 5.63
C ASN A 50 -2.98 -19.32 5.38
N TYR A 51 -2.33 -19.09 4.24
CA TYR A 51 -1.02 -19.72 4.04
C TYR A 51 0.06 -18.98 4.82
N ASN A 52 0.05 -17.66 4.78
CA ASN A 52 1.13 -16.89 5.39
C ASN A 52 1.15 -17.01 6.90
N THR A 53 0.02 -17.28 7.52
CA THR A 53 -0.03 -17.38 8.97
C THR A 53 0.08 -18.81 9.48
N ASN A 54 -0.03 -19.82 8.62
CA ASN A 54 -0.03 -21.21 9.04
C ASN A 54 0.55 -22.04 7.90
N ILE A 55 1.86 -22.28 7.94
CA ILE A 55 2.55 -22.91 6.83
C ILE A 55 2.37 -24.42 6.94
N THR A 56 1.69 -24.99 5.95
CA THR A 56 1.60 -26.44 5.81
C THR A 56 1.87 -26.77 4.34
N GLU A 57 1.63 -28.01 3.92
CA GLU A 57 1.83 -28.36 2.52
C GLU A 57 0.56 -28.19 1.69
N GLU A 58 -0.60 -28.54 2.25
CA GLU A 58 -1.85 -28.40 1.51
C GLU A 58 -2.31 -26.95 1.42
N ASN A 59 -1.88 -26.09 2.36
CA ASN A 59 -2.19 -24.67 2.23
C ASN A 59 -1.54 -24.07 1.00
N VAL A 60 -0.37 -24.59 0.60
CA VAL A 60 0.30 -24.06 -0.58
C VAL A 60 -0.55 -24.29 -1.83
N GLN A 61 -1.04 -25.51 -2.02
CA GLN A 61 -1.90 -25.78 -3.17
C GLN A 61 -3.25 -25.08 -3.07
N ASN A 62 -3.82 -24.99 -1.86
CA ASN A 62 -5.07 -24.28 -1.70
C ASN A 62 -4.93 -22.80 -2.00
N MET A 63 -3.72 -22.24 -1.82
CA MET A 63 -3.47 -20.86 -2.20
C MET A 63 -3.22 -20.72 -3.70
N ASN A 64 -2.44 -21.65 -4.27
CA ASN A 64 -2.14 -21.58 -5.69
C ASN A 64 -3.40 -21.71 -6.53
N ASN A 65 -4.36 -22.52 -6.09
CA ASN A 65 -5.60 -22.67 -6.84
C ASN A 65 -6.34 -21.34 -6.98
N ALA A 66 -6.57 -20.67 -5.85
CA ALA A 66 -7.29 -19.41 -5.88
C ALA A 66 -6.49 -18.34 -6.61
N GLY A 67 -5.17 -18.33 -6.44
CA GLY A 67 -4.37 -17.37 -7.18
C GLY A 67 -4.47 -17.54 -8.68
N ASP A 68 -4.41 -18.79 -9.15
CA ASP A 68 -4.52 -19.04 -10.59
C ASP A 68 -5.91 -18.70 -11.10
N LYS A 69 -6.94 -18.99 -10.30
CA LYS A 69 -8.30 -18.63 -10.72
C LYS A 69 -8.45 -17.13 -10.86
N TRP A 70 -7.93 -16.36 -9.89
CA TRP A 70 -8.02 -14.91 -9.98
C TRP A 70 -7.24 -14.38 -11.18
N SER A 71 -6.05 -14.91 -11.42
CA SER A 71 -5.26 -14.46 -12.56
C SER A 71 -5.96 -14.77 -13.87
N ALA A 72 -6.59 -15.95 -13.98
CA ALA A 72 -7.30 -16.30 -15.20
C ALA A 72 -8.49 -15.38 -15.44
N PHE A 73 -9.26 -15.10 -14.38
CA PHE A 73 -10.38 -14.17 -14.52
C PHE A 73 -9.90 -12.81 -14.96
N LEU A 74 -8.80 -12.33 -14.38
CA LEU A 74 -8.26 -11.03 -14.75
C LEU A 74 -7.84 -10.99 -16.21
N LYS A 75 -7.18 -12.05 -16.67
CA LYS A 75 -6.74 -12.10 -18.07
C LYS A 75 -7.92 -12.11 -19.02
N GLU A 76 -8.96 -12.87 -18.68
CA GLU A 76 -10.13 -12.93 -19.56
C GLU A 76 -10.85 -11.59 -19.61
N GLN A 77 -11.03 -10.94 -18.47
CA GLN A 77 -11.64 -9.62 -18.49
C GLN A 77 -10.79 -8.61 -19.25
N SER A 78 -9.47 -8.73 -19.16
CA SER A 78 -8.59 -7.83 -19.88
C SER A 78 -8.74 -8.00 -21.39
N THR A 79 -8.72 -9.24 -21.87
CA THR A 79 -8.90 -9.45 -23.30
C THR A 79 -10.33 -9.17 -23.76
N LEU A 80 -11.28 -9.11 -22.83
CA LEU A 80 -12.64 -8.73 -23.20
C LEU A 80 -12.80 -7.21 -23.30
N ALA A 81 -12.09 -6.45 -22.46
CA ALA A 81 -12.30 -5.01 -22.37
C ALA A 81 -11.83 -4.23 -23.59
N GLN A 82 -11.20 -4.88 -24.56
CA GLN A 82 -10.60 -4.15 -25.67
C GLN A 82 -11.61 -3.63 -26.68
N MET A 83 -12.90 -3.83 -26.44
CA MET A 83 -13.91 -3.43 -27.41
C MET A 83 -14.23 -1.94 -27.36
N TYR A 84 -14.03 -1.28 -26.22
CA TYR A 84 -14.43 0.11 -26.05
C TYR A 84 -13.24 1.02 -26.31
N PRO A 85 -13.28 1.88 -27.34
CA PRO A 85 -12.15 2.76 -27.61
C PRO A 85 -12.05 3.86 -26.57
N LEU A 86 -10.85 4.04 -26.04
CA LEU A 86 -10.59 5.06 -25.02
C LEU A 86 -10.73 6.48 -25.54
N GLN A 87 -11.05 6.66 -26.82
CA GLN A 87 -11.16 7.99 -27.40
C GLN A 87 -12.57 8.56 -27.30
N GLU A 88 -13.60 7.72 -27.25
CA GLU A 88 -14.98 8.18 -27.19
C GLU A 88 -15.52 8.27 -25.77
N ILE A 89 -14.73 7.95 -24.76
CA ILE A 89 -15.16 8.05 -23.37
C ILE A 89 -15.07 9.50 -22.94
N GLN A 90 -16.07 9.96 -22.17
CA GLN A 90 -16.12 11.33 -21.70
C GLN A 90 -15.89 11.45 -20.20
N ASN A 91 -16.32 10.46 -19.42
CA ASN A 91 -16.08 10.49 -17.98
C ASN A 91 -14.62 10.23 -17.69
N LEU A 92 -14.13 10.80 -16.58
CA LEU A 92 -12.73 10.61 -16.21
C LEU A 92 -12.51 9.35 -15.38
N THR A 93 -13.45 9.00 -14.51
CA THR A 93 -13.30 7.78 -13.71
C THR A 93 -13.43 6.55 -14.59
N VAL A 94 -14.40 6.54 -15.49
CA VAL A 94 -14.56 5.42 -16.42
C VAL A 94 -13.31 5.28 -17.29
N LYS A 95 -12.79 6.41 -17.78
CA LYS A 95 -11.59 6.35 -18.61
C LYS A 95 -10.40 5.83 -17.82
N LEU A 96 -10.25 6.27 -16.57
CA LEU A 96 -9.15 5.78 -15.74
C LEU A 96 -9.27 4.27 -15.56
N GLN A 97 -10.47 3.78 -15.23
CA GLN A 97 -10.64 2.35 -15.00
C GLN A 97 -10.36 1.56 -16.26
N LEU A 98 -10.89 2.01 -17.41
CA LEU A 98 -10.66 1.30 -18.66
C LEU A 98 -9.18 1.27 -19.01
N GLN A 99 -8.50 2.42 -18.96
CA GLN A 99 -7.09 2.48 -19.30
C GLN A 99 -6.25 1.65 -18.34
N ALA A 100 -6.69 1.51 -17.08
CA ALA A 100 -5.98 0.62 -16.18
C ALA A 100 -6.28 -0.84 -16.49
N LEU A 101 -7.41 -1.12 -17.13
CA LEU A 101 -7.78 -2.49 -17.47
C LEU A 101 -7.36 -2.90 -18.87
N GLN A 102 -7.35 -1.97 -19.82
CA GLN A 102 -7.07 -2.30 -21.21
C GLN A 102 -5.60 -2.62 -21.48
N GLN A 103 -4.69 -2.29 -20.56
CA GLN A 103 -3.27 -2.43 -20.84
C GLN A 103 -2.92 -3.90 -21.04
N ASN A 104 -2.25 -4.20 -22.15
CA ASN A 104 -1.90 -5.59 -22.45
C ASN A 104 -0.84 -6.10 -21.49
N GLY A 105 0.17 -5.29 -21.20
CA GLY A 105 1.25 -5.74 -20.35
C GLY A 105 2.13 -6.71 -21.11
N SER A 106 2.41 -7.86 -20.51
CA SER A 106 3.09 -8.93 -21.21
C SER A 106 2.09 -9.67 -22.09
N SER A 107 2.48 -10.83 -22.61
CA SER A 107 1.68 -11.66 -23.50
C SER A 107 1.39 -10.97 -24.83
N VAL A 108 1.93 -9.77 -25.06
CA VAL A 108 1.89 -9.16 -26.38
C VAL A 108 2.97 -9.72 -27.28
N LEU A 109 3.96 -10.42 -26.72
CA LEU A 109 5.00 -11.08 -27.47
C LEU A 109 4.46 -12.37 -28.08
N SER A 110 5.36 -13.13 -28.69
CA SER A 110 5.03 -14.47 -29.12
C SER A 110 5.04 -15.42 -27.92
N GLU A 111 4.92 -16.71 -28.18
CA GLU A 111 4.88 -17.67 -27.08
C GLU A 111 6.29 -18.09 -26.67
N ASP A 112 7.16 -18.38 -27.64
CA ASP A 112 8.53 -18.75 -27.34
C ASP A 112 9.23 -17.65 -26.56
N LYS A 113 9.03 -16.40 -26.96
CA LYS A 113 9.68 -15.29 -26.26
C LYS A 113 9.15 -15.14 -24.85
N SER A 114 7.84 -15.34 -24.66
CA SER A 114 7.28 -15.24 -23.31
C SER A 114 7.84 -16.33 -22.41
N LYS A 115 7.92 -17.55 -22.93
CA LYS A 115 8.50 -18.64 -22.13
C LYS A 115 9.96 -18.36 -21.80
N ARG A 116 10.71 -17.85 -22.78
CA ARG A 116 12.11 -17.51 -22.54
C ARG A 116 12.24 -16.43 -21.46
N LEU A 117 11.38 -15.41 -21.52
CA LEU A 117 11.44 -14.33 -20.54
C LEU A 117 11.14 -14.84 -19.15
N ASN A 118 10.08 -15.64 -19.01
CA ASN A 118 9.77 -16.19 -17.69
C ASN A 118 10.88 -17.09 -17.17
N THR A 119 11.50 -17.87 -18.06
CA THR A 119 12.58 -18.75 -17.64
C THR A 119 13.78 -17.96 -17.14
N ILE A 120 14.17 -16.91 -17.87
CA ILE A 120 15.34 -16.16 -17.42
C ILE A 120 15.02 -15.35 -16.17
N LEU A 121 13.77 -14.91 -16.00
CA LEU A 121 13.41 -14.22 -14.77
C LEU A 121 13.53 -15.15 -13.58
N ASN A 122 12.97 -16.36 -13.68
CA ASN A 122 13.08 -17.31 -12.57
C ASN A 122 14.53 -17.71 -12.34
N THR A 123 15.32 -17.85 -13.40
CA THR A 123 16.71 -18.23 -13.23
C THR A 123 17.49 -17.13 -12.51
N MET A 124 17.24 -15.87 -12.86
CA MET A 124 17.90 -14.77 -12.16
C MET A 124 17.52 -14.73 -10.69
N SER A 125 16.22 -14.87 -10.40
CA SER A 125 15.79 -14.85 -9.01
C SER A 125 16.43 -15.99 -8.22
N THR A 126 16.50 -17.19 -8.82
CA THR A 126 17.09 -18.33 -8.13
C THR A 126 18.59 -18.13 -7.91
N ILE A 127 19.30 -17.62 -8.92
CA ILE A 127 20.73 -17.38 -8.79
C ILE A 127 21.00 -16.37 -7.68
N TYR A 128 20.18 -15.32 -7.58
CA TYR A 128 20.39 -14.35 -6.52
C TYR A 128 20.05 -14.92 -5.16
N SER A 129 19.02 -15.78 -5.08
CA SER A 129 18.56 -16.24 -3.78
C SER A 129 19.50 -17.24 -3.13
N THR A 130 20.07 -18.16 -3.90
CA THR A 130 20.87 -19.25 -3.36
C THR A 130 22.32 -19.23 -3.88
N GLY A 131 22.90 -18.04 -4.04
CA GLY A 131 24.29 -17.96 -4.42
C GLY A 131 25.20 -18.28 -3.25
N LYS A 132 26.28 -19.00 -3.54
CA LYS A 132 27.19 -19.48 -2.50
C LYS A 132 28.61 -19.03 -2.79
N VAL A 133 29.29 -18.51 -1.78
CA VAL A 133 30.70 -18.18 -1.84
C VAL A 133 31.39 -18.84 -0.65
N CYS A 134 32.65 -19.22 -0.80
CA CYS A 134 33.38 -19.84 0.29
C CYS A 134 34.85 -19.45 0.29
N ASN A 135 35.52 -19.85 1.37
CA ASN A 135 36.81 -19.32 1.74
C ASN A 135 37.87 -19.73 0.72
N PRO A 136 39.03 -19.06 0.72
CA PRO A 136 40.12 -19.49 -0.17
C PRO A 136 40.97 -20.61 0.41
N ASP A 137 41.03 -20.69 1.74
CA ASP A 137 41.89 -21.67 2.41
C ASP A 137 41.10 -22.83 3.02
N ASN A 138 39.78 -22.79 2.97
CA ASN A 138 38.95 -23.86 3.53
C ASN A 138 37.69 -23.94 2.68
N PRO A 139 37.79 -24.56 1.50
CA PRO A 139 36.72 -24.41 0.50
C PRO A 139 35.40 -25.10 0.84
N GLN A 140 35.29 -25.77 1.98
CA GLN A 140 34.04 -26.39 2.39
C GLN A 140 33.33 -25.60 3.48
N GLU A 141 33.37 -24.27 3.37
CA GLU A 141 32.81 -23.35 4.35
C GLU A 141 31.99 -22.28 3.64
N CYS A 142 31.09 -22.70 2.76
CA CYS A 142 30.39 -21.76 1.90
C CYS A 142 29.23 -21.09 2.64
N LEU A 143 29.10 -19.78 2.45
CA LEU A 143 28.09 -18.95 3.11
C LEU A 143 27.16 -18.36 2.06
N LEU A 144 25.86 -18.42 2.32
CA LEU A 144 24.91 -17.72 1.47
C LEU A 144 25.01 -16.22 1.71
N LEU A 145 24.13 -15.46 1.05
CA LEU A 145 24.14 -14.02 1.24
C LEU A 145 23.51 -13.63 2.58
N GLU A 146 22.23 -13.92 2.75
CA GLU A 146 21.48 -13.41 3.90
C GLU A 146 22.05 -13.90 5.22
N PRO A 147 22.24 -15.21 5.45
CA PRO A 147 22.88 -15.60 6.72
C PRO A 147 24.40 -15.66 6.63
N GLY A 148 25.03 -14.48 6.67
CA GLY A 148 26.46 -14.40 6.83
C GLY A 148 27.22 -13.37 6.01
N LEU A 149 26.84 -13.13 4.76
CA LEU A 149 27.61 -12.14 4.00
C LEU A 149 27.26 -10.72 4.41
N ASN A 150 25.98 -10.38 4.45
CA ASN A 150 25.56 -9.08 4.94
C ASN A 150 25.57 -9.01 6.46
N GLU A 151 26.17 -9.99 7.12
CA GLU A 151 26.53 -9.88 8.53
C GLU A 151 28.02 -9.60 8.71
N ILE A 152 28.87 -10.27 7.92
CA ILE A 152 30.28 -9.88 7.84
C ILE A 152 30.38 -8.42 7.42
N MET A 153 29.66 -8.04 6.37
CA MET A 153 29.73 -6.68 5.88
C MET A 153 29.11 -5.67 6.84
N ALA A 154 28.34 -6.14 7.82
CA ALA A 154 27.64 -5.24 8.73
C ALA A 154 28.34 -5.07 10.07
N ASN A 155 28.96 -6.12 10.61
CA ASN A 155 29.55 -6.06 11.94
C ASN A 155 31.06 -6.10 11.97
N SER A 156 31.71 -6.56 10.90
CA SER A 156 33.17 -6.72 10.94
C SER A 156 33.87 -5.38 10.81
N LEU A 157 35.04 -5.28 11.45
CA LEU A 157 35.86 -4.08 11.40
C LEU A 157 37.23 -4.35 10.82
N ASP A 158 37.39 -5.46 10.11
CA ASP A 158 38.65 -5.83 9.48
C ASP A 158 38.59 -5.43 8.01
N TYR A 159 39.66 -4.79 7.52
CA TYR A 159 39.67 -4.34 6.13
C TYR A 159 39.69 -5.52 5.17
N ASN A 160 40.58 -6.48 5.41
CA ASN A 160 40.78 -7.58 4.47
C ASN A 160 39.55 -8.46 4.38
N GLU A 161 38.88 -8.72 5.50
CA GLU A 161 37.70 -9.57 5.48
C GLU A 161 36.55 -8.93 4.70
N ARG A 162 36.31 -7.64 4.95
CA ARG A 162 35.28 -6.94 4.20
C ARG A 162 35.61 -6.91 2.72
N LEU A 163 36.89 -6.70 2.38
CA LEU A 163 37.27 -6.69 0.97
C LEU A 163 37.05 -8.05 0.33
N TRP A 164 37.40 -9.13 1.03
CA TRP A 164 37.20 -10.47 0.48
C TRP A 164 35.72 -10.72 0.24
N ALA A 165 34.86 -10.38 1.20
CA ALA A 165 33.44 -10.61 1.02
C ALA A 165 32.89 -9.80 -0.15
N TRP A 166 33.20 -8.51 -0.19
CA TRP A 166 32.67 -7.64 -1.24
C TRP A 166 33.17 -8.06 -2.61
N GLU A 167 34.39 -8.59 -2.70
CA GLU A 167 34.90 -8.99 -4.00
C GLU A 167 34.34 -10.34 -4.42
N SER A 168 34.23 -11.28 -3.49
CA SER A 168 33.78 -12.62 -3.85
C SER A 168 32.31 -12.65 -4.21
N TRP A 169 31.47 -11.86 -3.52
CA TRP A 169 30.06 -11.86 -3.87
C TRP A 169 29.84 -11.38 -5.30
N ARG A 170 30.67 -10.45 -5.76
CA ARG A 170 30.53 -9.94 -7.12
C ARG A 170 31.28 -10.76 -8.14
N SER A 171 32.27 -11.55 -7.71
CA SER A 171 33.03 -12.37 -8.65
C SER A 171 32.45 -13.76 -8.83
N GLU A 172 31.65 -14.27 -7.90
CA GLU A 172 31.14 -15.63 -8.01
C GLU A 172 29.62 -15.69 -8.18
N VAL A 173 28.91 -14.58 -8.05
CA VAL A 173 27.49 -14.53 -8.33
C VAL A 173 27.18 -13.53 -9.43
N GLY A 174 27.83 -12.37 -9.42
CA GLY A 174 27.56 -11.37 -10.44
C GLY A 174 27.99 -11.80 -11.83
N LYS A 175 28.95 -12.73 -11.91
CA LYS A 175 29.42 -13.17 -13.21
C LYS A 175 28.50 -14.17 -13.86
N GLN A 176 27.54 -14.74 -13.11
CA GLN A 176 26.54 -15.61 -13.70
C GLN A 176 25.32 -14.84 -14.20
N LEU A 177 25.16 -13.58 -13.76
CA LEU A 177 23.98 -12.81 -14.08
C LEU A 177 24.14 -11.93 -15.31
N ARG A 178 25.34 -11.84 -15.88
CA ARG A 178 25.53 -10.95 -17.03
C ARG A 178 24.93 -11.52 -18.32
N PRO A 179 25.21 -12.76 -18.72
CA PRO A 179 24.58 -13.28 -19.94
C PRO A 179 23.08 -13.40 -19.85
N LEU A 180 22.51 -13.40 -18.64
CA LEU A 180 21.06 -13.39 -18.50
C LEU A 180 20.50 -11.97 -18.61
N TYR A 181 21.18 -11.01 -17.98
CA TYR A 181 20.72 -9.63 -18.05
C TYR A 181 20.80 -9.09 -19.48
N GLU A 182 21.84 -9.50 -20.23
CA GLU A 182 21.97 -9.02 -21.60
C GLU A 182 20.83 -9.47 -22.49
N GLU A 183 20.14 -10.55 -22.10
CA GLU A 183 19.00 -11.01 -22.88
C GLU A 183 17.69 -10.47 -22.31
N TYR A 184 17.61 -10.35 -20.98
CA TYR A 184 16.45 -9.76 -20.34
C TYR A 184 16.22 -8.34 -20.84
N VAL A 185 17.31 -7.58 -21.04
CA VAL A 185 17.17 -6.22 -21.53
C VAL A 185 16.46 -6.18 -22.87
N VAL A 186 16.90 -7.03 -23.81
CA VAL A 186 16.33 -7.01 -25.15
C VAL A 186 14.89 -7.50 -25.13
N LEU A 187 14.62 -8.55 -24.35
CA LEU A 187 13.25 -9.06 -24.29
C LEU A 187 12.29 -8.03 -23.72
N LYS A 188 12.66 -7.39 -22.61
CA LYS A 188 11.79 -6.37 -22.04
C LYS A 188 11.66 -5.17 -22.95
N ASN A 189 12.72 -4.81 -23.66
CA ASN A 189 12.62 -3.70 -24.61
C ASN A 189 11.64 -4.01 -25.73
N GLU A 190 11.64 -5.26 -26.20
CA GLU A 190 10.68 -5.64 -27.23
C GLU A 190 9.25 -5.62 -26.69
N MET A 191 9.05 -6.19 -25.50
CA MET A 191 7.72 -6.18 -24.89
C MET A 191 7.22 -4.75 -24.69
N ALA A 192 8.12 -3.82 -24.37
CA ALA A 192 7.71 -2.45 -24.12
C ALA A 192 7.48 -1.68 -25.40
N ARG A 193 8.26 -1.96 -26.46
CA ARG A 193 8.00 -1.31 -27.73
C ARG A 193 6.76 -1.85 -28.42
N ALA A 194 6.29 -3.02 -28.02
CA ALA A 194 5.03 -3.53 -28.56
C ALA A 194 3.81 -2.79 -28.03
N ASN A 195 3.96 -1.95 -27.01
CA ASN A 195 2.85 -1.18 -26.44
C ASN A 195 3.01 0.31 -26.65
N HIS A 196 3.81 0.73 -27.64
CA HIS A 196 4.05 2.14 -27.96
C HIS A 196 4.63 2.91 -26.78
N TYR A 197 5.83 2.51 -26.38
CA TYR A 197 6.50 3.16 -25.25
C TYR A 197 7.96 3.54 -25.51
N GLU A 198 8.56 3.13 -26.63
CA GLU A 198 9.89 3.53 -27.08
C GLU A 198 11.03 2.94 -26.26
N ASP A 199 10.73 2.33 -25.11
CA ASP A 199 11.70 1.58 -24.32
C ASP A 199 11.03 1.02 -23.07
N TYR A 200 11.76 0.23 -22.29
CA TYR A 200 11.20 -0.27 -21.04
C TYR A 200 11.30 0.75 -19.92
N GLY A 201 12.14 1.76 -20.07
CA GLY A 201 12.20 2.79 -19.05
C GLY A 201 11.00 3.71 -19.07
N ASP A 202 10.51 4.04 -20.27
CA ASP A 202 9.30 4.85 -20.37
C ASP A 202 8.09 4.09 -19.84
N TYR A 203 8.08 2.77 -20.00
CA TYR A 203 7.00 1.97 -19.41
C TYR A 203 7.00 2.11 -17.89
N TRP A 204 8.18 2.24 -17.28
CA TRP A 204 8.26 2.43 -15.85
C TRP A 204 7.84 3.82 -15.45
N ARG A 205 8.34 4.84 -16.16
CA ARG A 205 7.99 6.22 -15.83
C ARG A 205 6.54 6.56 -16.16
N GLY A 206 5.85 5.70 -16.90
CA GLY A 206 4.46 5.94 -17.22
C GLY A 206 3.51 5.95 -16.04
N ASP A 207 3.97 5.56 -14.85
CA ASP A 207 3.13 5.60 -13.67
C ASP A 207 2.84 7.04 -13.24
N TYR A 208 3.79 7.94 -13.41
CA TYR A 208 3.65 9.33 -12.98
C TYR A 208 3.01 10.21 -14.03
N GLU A 209 2.37 9.62 -15.03
CA GLU A 209 1.79 10.40 -16.13
C GLU A 209 0.36 10.81 -15.81
N VAL A 210 -0.01 12.00 -16.29
CA VAL A 210 -1.35 12.54 -16.10
C VAL A 210 -1.75 13.28 -17.37
N ASN A 211 -2.90 12.93 -17.93
CA ASN A 211 -3.34 13.49 -19.20
C ASN A 211 -4.79 13.94 -19.12
N GLY A 212 -5.10 15.03 -19.81
CA GLY A 212 -6.46 15.49 -19.97
C GLY A 212 -7.12 15.99 -18.69
N VAL A 213 -6.47 16.94 -18.01
CA VAL A 213 -7.04 17.56 -16.83
C VAL A 213 -7.04 19.08 -16.92
N ASP A 214 -6.31 19.67 -17.86
CA ASP A 214 -6.29 21.11 -18.10
C ASP A 214 -5.85 21.87 -16.84
N GLY A 215 -4.59 21.65 -16.48
CA GLY A 215 -3.99 22.38 -15.39
C GLY A 215 -3.08 21.54 -14.52
N TYR A 216 -3.13 20.22 -14.71
CA TYR A 216 -2.35 19.29 -13.91
C TYR A 216 -1.63 18.25 -14.76
N ASP A 217 -1.32 18.58 -16.02
CA ASP A 217 -0.68 17.63 -16.91
C ASP A 217 0.73 17.30 -16.44
N TYR A 218 1.20 16.12 -16.80
CA TYR A 218 2.52 15.65 -16.40
C TYR A 218 2.97 14.59 -17.38
N SER A 219 3.98 14.90 -18.18
CA SER A 219 4.46 13.97 -19.19
C SER A 219 5.37 12.92 -18.55
N ARG A 220 5.57 11.82 -19.27
CA ARG A 220 6.45 10.76 -18.80
C ARG A 220 7.92 11.15 -18.93
N GLY A 221 8.22 12.24 -19.63
CA GLY A 221 9.57 12.72 -19.75
C GLY A 221 9.94 13.84 -18.81
N GLN A 222 8.97 14.40 -18.10
CA GLN A 222 9.26 15.47 -17.15
C GLN A 222 9.75 14.93 -15.81
N LEU A 223 9.53 13.64 -15.55
CA LEU A 223 10.02 13.05 -14.31
C LEU A 223 11.54 13.11 -14.24
N ILE A 224 12.21 12.90 -15.39
CA ILE A 224 13.67 12.96 -15.42
C ILE A 224 14.15 14.35 -15.03
N GLU A 225 13.56 15.38 -15.62
CA GLU A 225 13.98 16.75 -15.32
C GLU A 225 13.67 17.11 -13.88
N ASP A 226 12.51 16.68 -13.37
CA ASP A 226 12.17 16.98 -11.98
C ASP A 226 13.15 16.33 -11.03
N VAL A 227 13.51 15.06 -11.28
CA VAL A 227 14.46 14.38 -10.41
C VAL A 227 15.83 15.05 -10.48
N GLU A 228 16.27 15.41 -11.68
CA GLU A 228 17.58 16.03 -11.83
C GLU A 228 17.62 17.43 -11.22
N HIS A 229 16.47 18.10 -11.13
CA HIS A 229 16.47 19.43 -10.52
C HIS A 229 16.31 19.37 -9.01
N THR A 230 15.67 18.32 -8.49
CA THR A 230 15.61 18.18 -7.04
C THR A 230 16.88 17.58 -6.46
N PHE A 231 17.66 16.85 -7.26
CA PHE A 231 18.94 16.35 -6.76
C PHE A 231 20.03 17.41 -6.83
N GLU A 232 19.81 18.47 -7.60
CA GLU A 232 20.82 19.52 -7.73
C GLU A 232 20.95 20.36 -6.47
N GLU A 233 20.00 20.24 -5.54
CA GLU A 233 20.03 21.04 -4.32
C GLU A 233 20.34 20.23 -3.07
N ILE A 234 20.44 18.90 -3.19
CA ILE A 234 20.89 18.08 -2.06
C ILE A 234 22.39 17.90 -2.03
N LYS A 235 23.09 18.26 -3.12
CA LYS A 235 24.53 18.10 -3.14
C LYS A 235 25.25 18.91 -2.07
N PRO A 236 24.91 20.17 -1.78
CA PRO A 236 25.62 20.88 -0.70
C PRO A 236 25.54 20.21 0.65
N LEU A 237 24.50 19.42 0.93
CA LEU A 237 24.42 18.75 2.22
C LEU A 237 25.10 17.39 2.18
N TYR A 238 24.93 16.66 1.09
CA TYR A 238 25.58 15.37 0.96
C TYR A 238 27.10 15.51 0.92
N GLU A 239 27.61 16.61 0.37
CA GLU A 239 29.05 16.82 0.37
C GLU A 239 29.60 16.95 1.77
N HIS A 240 28.94 17.72 2.63
CA HIS A 240 29.41 17.88 3.99
C HIS A 240 29.27 16.59 4.78
N LEU A 241 28.16 15.86 4.59
CA LEU A 241 28.03 14.57 5.27
C LEU A 241 29.12 13.61 4.83
N HIS A 242 29.45 13.62 3.53
CA HIS A 242 30.51 12.76 3.01
C HIS A 242 31.86 13.13 3.61
N ALA A 243 32.18 14.42 3.66
CA ALA A 243 33.45 14.85 4.24
C ALA A 243 33.54 14.45 5.70
N TYR A 244 32.45 14.59 6.46
CA TYR A 244 32.48 14.22 7.87
C TYR A 244 32.70 12.72 8.04
N VAL A 245 31.95 11.90 7.28
CA VAL A 245 32.13 10.46 7.41
C VAL A 245 33.53 10.04 6.98
N ARG A 246 34.12 10.75 6.02
CA ARG A 246 35.48 10.42 5.60
C ARG A 246 36.49 10.76 6.68
N ALA A 247 36.35 11.94 7.29
CA ALA A 247 37.27 12.33 8.35
C ALA A 247 37.12 11.44 9.57
N LYS A 248 35.95 10.83 9.76
CA LYS A 248 35.80 9.88 10.86
C LYS A 248 36.32 8.49 10.50
N LEU A 249 36.19 8.07 9.23
CA LEU A 249 36.71 6.78 8.81
C LEU A 249 38.21 6.76 8.67
N MET A 250 38.85 7.92 8.55
CA MET A 250 40.31 7.92 8.53
C MET A 250 40.92 7.56 9.87
N ASN A 251 40.14 7.17 10.88
CA ASN A 251 40.68 6.76 12.17
C ASN A 251 40.50 5.28 12.46
N ALA A 252 39.49 4.64 11.88
CA ALA A 252 39.30 3.21 12.09
C ALA A 252 40.16 2.37 11.16
N TYR A 253 40.38 2.84 9.93
CA TYR A 253 41.29 2.20 8.97
C TYR A 253 42.33 3.21 8.54
N PRO A 254 43.37 3.42 9.35
CA PRO A 254 44.39 4.40 8.98
C PRO A 254 45.18 3.96 7.76
N SER A 255 45.64 4.95 7.00
CA SER A 255 46.47 4.74 5.82
C SER A 255 45.76 3.98 4.71
N TYR A 256 44.43 3.87 4.80
CA TYR A 256 43.64 3.29 3.72
C TYR A 256 42.73 4.30 3.03
N ILE A 257 42.45 5.44 3.64
CA ILE A 257 41.58 6.47 3.08
C ILE A 257 42.41 7.70 2.80
N SER A 258 42.12 8.38 1.69
CA SER A 258 42.91 9.57 1.47
C SER A 258 42.11 10.82 1.82
N PRO A 259 42.75 11.87 2.36
CA PRO A 259 41.99 13.04 2.81
C PRO A 259 41.37 13.85 1.69
N ILE A 260 41.65 13.56 0.42
CA ILE A 260 41.02 14.24 -0.70
C ILE A 260 40.39 13.27 -1.68
N GLY A 261 40.34 11.98 -1.38
CA GLY A 261 39.79 10.99 -2.26
C GLY A 261 38.40 10.53 -1.84
N CYS A 262 37.88 9.59 -2.61
CA CYS A 262 36.58 9.01 -2.34
C CYS A 262 36.70 7.98 -1.23
N LEU A 263 35.61 7.27 -0.95
CA LEU A 263 35.63 6.20 0.02
C LEU A 263 35.61 4.86 -0.67
N PRO A 264 36.49 3.93 -0.33
CA PRO A 264 36.36 2.57 -0.85
C PRO A 264 34.98 2.01 -0.61
N ALA A 265 34.47 1.27 -1.59
CA ALA A 265 33.06 0.91 -1.60
C ALA A 265 32.71 -0.20 -0.62
N HIS A 266 33.70 -0.81 0.03
CA HIS A 266 33.42 -1.89 0.97
C HIS A 266 33.46 -1.42 2.42
N LEU A 267 33.77 -0.15 2.68
CA LEU A 267 33.81 0.41 4.02
C LEU A 267 32.58 1.23 4.34
N LEU A 268 31.43 0.92 3.72
CA LEU A 268 30.26 1.78 3.84
C LEU A 268 29.19 1.24 4.78
N GLY A 269 29.20 -0.05 5.09
CA GLY A 269 28.22 -0.56 6.03
C GLY A 269 27.49 -1.81 5.60
N ASP A 270 27.25 -1.97 4.31
CA ASP A 270 26.62 -3.17 3.79
C ASP A 270 27.24 -3.49 2.43
N MET A 271 26.64 -4.47 1.75
CA MET A 271 27.26 -5.01 0.54
C MET A 271 27.27 -3.99 -0.59
N TRP A 272 26.26 -3.13 -0.68
CA TRP A 272 26.12 -2.25 -1.82
C TRP A 272 26.32 -0.77 -1.49
N GLY A 273 26.25 -0.39 -0.23
CA GLY A 273 26.35 1.01 0.12
C GLY A 273 25.03 1.75 0.03
N ARG A 274 23.91 1.04 0.15
CA ARG A 274 22.61 1.68 0.02
C ARG A 274 22.28 2.51 1.26
N PHE A 275 22.55 1.95 2.44
CA PHE A 275 22.32 2.65 3.70
C PHE A 275 23.63 2.76 4.46
N TRP A 276 23.93 3.97 4.94
CA TRP A 276 25.11 4.21 5.76
C TRP A 276 24.82 4.02 7.23
N THR A 277 23.69 3.40 7.57
CA THR A 277 23.24 3.38 8.97
C THR A 277 24.11 2.50 9.85
N ASN A 278 24.92 1.62 9.29
CA ASN A 278 25.82 0.79 10.08
C ASN A 278 27.11 1.50 10.45
N LEU A 279 27.32 2.72 9.97
CA LEU A 279 28.48 3.51 10.33
C LEU A 279 28.23 4.38 11.56
N TYR A 280 27.19 4.07 12.34
CA TYR A 280 26.88 4.93 13.48
C TYR A 280 27.81 4.68 14.65
N SER A 281 28.27 3.43 14.82
CA SER A 281 29.16 3.14 15.93
C SER A 281 30.53 3.79 15.76
N LEU A 282 30.90 4.13 14.53
CA LEU A 282 32.19 4.76 14.27
C LEU A 282 32.10 6.28 14.21
N THR A 283 31.02 6.82 13.67
CA THR A 283 30.92 8.24 13.38
C THR A 283 29.88 8.93 14.26
N VAL A 284 29.71 8.46 15.49
CA VAL A 284 28.74 9.11 16.39
C VAL A 284 29.34 10.41 16.90
N PRO A 285 28.59 11.51 16.89
CA PRO A 285 29.17 12.81 17.29
C PRO A 285 29.60 12.85 18.75
N PHE A 286 28.67 12.55 19.66
CA PHE A 286 28.95 12.56 21.10
C PHE A 286 28.63 11.18 21.63
N GLY A 287 29.67 10.38 21.84
CA GLY A 287 29.51 8.98 22.22
C GLY A 287 29.25 8.71 23.67
N GLN A 288 29.15 9.73 24.51
CA GLN A 288 28.90 9.54 25.94
C GLN A 288 27.50 9.99 26.35
N LYS A 289 26.62 10.25 25.39
CA LYS A 289 25.22 10.56 25.68
C LYS A 289 24.34 9.54 24.97
N PRO A 290 23.71 8.61 25.70
CA PRO A 290 22.90 7.59 25.03
C PRO A 290 21.63 8.17 24.46
N ASN A 291 21.36 7.85 23.20
CA ASN A 291 20.13 8.30 22.57
C ASN A 291 18.92 7.71 23.28
N ILE A 292 17.79 8.39 23.14
CA ILE A 292 16.58 8.00 23.87
C ILE A 292 16.10 6.64 23.38
N ASP A 293 16.00 5.69 24.31
CA ASP A 293 15.59 4.32 23.98
C ASP A 293 14.78 3.80 25.15
N VAL A 294 13.46 3.85 25.04
CA VAL A 294 12.57 3.42 26.13
C VAL A 294 12.22 1.96 25.85
N THR A 295 13.09 1.08 26.31
CA THR A 295 12.82 -0.35 26.36
C THR A 295 12.80 -0.90 27.76
N ASP A 296 13.59 -0.32 28.68
CA ASP A 296 13.54 -0.75 30.06
C ASP A 296 12.24 -0.34 30.75
N ALA A 297 11.68 0.82 30.37
CA ALA A 297 10.45 1.26 31.00
C ALA A 297 9.25 0.41 30.58
N MET A 298 9.26 -0.09 29.34
CA MET A 298 8.17 -0.95 28.89
C MET A 298 8.13 -2.25 29.68
N VAL A 299 9.30 -2.86 29.89
CA VAL A 299 9.34 -4.07 30.70
C VAL A 299 9.15 -3.73 32.18
N ASP A 300 9.40 -2.48 32.56
CA ASP A 300 9.15 -2.03 33.91
C ASP A 300 7.65 -1.96 34.22
N GLN A 301 6.86 -1.44 33.28
CA GLN A 301 5.41 -1.34 33.45
C GLN A 301 4.67 -2.55 32.89
N ALA A 302 5.40 -3.54 32.38
CA ALA A 302 4.82 -4.78 31.86
C ALA A 302 3.85 -4.51 30.71
N TRP A 303 4.41 -3.97 29.62
CA TRP A 303 3.66 -3.81 28.39
C TRP A 303 3.73 -5.11 27.59
N ASP A 304 2.61 -5.45 26.95
CA ASP A 304 2.51 -6.67 26.16
C ASP A 304 2.22 -6.34 24.70
N ALA A 305 1.93 -7.37 23.92
CA ALA A 305 1.72 -7.21 22.48
C ALA A 305 0.43 -6.50 22.15
N GLN A 306 -0.45 -6.27 23.13
CA GLN A 306 -1.74 -5.65 22.85
C GLN A 306 -1.81 -4.20 23.31
N ARG A 307 -1.13 -3.87 24.40
CA ARG A 307 -1.10 -2.48 24.85
C ARG A 307 -0.41 -1.59 23.83
N ILE A 308 0.59 -2.12 23.12
CA ILE A 308 1.26 -1.36 22.07
C ILE A 308 0.26 -0.91 21.02
N PHE A 309 -0.56 -1.84 20.53
CA PHE A 309 -1.52 -1.50 19.48
C PHE A 309 -2.65 -0.64 20.03
N LYS A 310 -3.02 -0.82 21.29
CA LYS A 310 -3.99 0.09 21.90
C LYS A 310 -3.46 1.52 21.92
N GLU A 311 -2.19 1.70 22.26
CA GLU A 311 -1.60 3.03 22.28
C GLU A 311 -1.50 3.62 20.88
N ALA A 312 -1.14 2.80 19.89
CA ALA A 312 -1.08 3.27 18.52
C ALA A 312 -2.45 3.72 18.05
N GLU A 313 -3.49 2.93 18.32
CA GLU A 313 -4.84 3.31 17.93
C GLU A 313 -5.29 4.58 18.63
N LYS A 314 -4.90 4.74 19.90
CA LYS A 314 -5.25 5.97 20.61
C LYS A 314 -4.58 7.18 19.97
N PHE A 315 -3.30 7.06 19.62
CA PHE A 315 -2.62 8.16 18.94
C PHE A 315 -3.30 8.49 17.62
N PHE A 316 -3.75 7.47 16.90
CA PHE A 316 -4.36 7.71 15.60
C PHE A 316 -5.73 8.38 15.75
N VAL A 317 -6.54 7.93 16.71
CA VAL A 317 -7.86 8.53 16.89
C VAL A 317 -7.75 9.91 17.54
N SER A 318 -6.61 10.25 18.14
CA SER A 318 -6.44 11.57 18.72
C SER A 318 -6.53 12.67 17.66
N VAL A 319 -6.02 12.40 16.45
CA VAL A 319 -5.93 13.45 15.43
C VAL A 319 -7.23 13.65 14.66
N GLY A 320 -8.17 12.72 14.76
CA GLY A 320 -9.43 12.82 14.06
C GLY A 320 -9.74 11.71 13.08
N LEU A 321 -9.09 10.56 13.18
CA LEU A 321 -9.33 9.42 12.32
C LEU A 321 -10.13 8.36 13.07
N PRO A 322 -10.85 7.49 12.35
CA PRO A 322 -11.77 6.57 13.01
C PRO A 322 -11.04 5.49 13.80
N ASN A 323 -11.82 4.80 14.63
CA ASN A 323 -11.34 3.66 15.40
C ASN A 323 -10.99 2.50 14.47
N MET A 324 -10.54 1.41 15.07
CA MET A 324 -10.37 0.16 14.33
C MET A 324 -11.73 -0.52 14.16
N THR A 325 -11.86 -1.28 13.08
CA THR A 325 -13.16 -1.75 12.63
C THR A 325 -13.76 -2.85 13.50
N GLN A 326 -13.12 -3.21 14.62
CA GLN A 326 -13.65 -4.18 15.58
C GLN A 326 -13.62 -5.59 15.02
N GLY A 327 -13.32 -5.72 13.73
CA GLY A 327 -13.03 -7.01 13.13
C GLY A 327 -11.53 -7.16 13.03
N PHE A 328 -10.83 -6.10 13.42
CA PHE A 328 -9.37 -6.06 13.37
C PHE A 328 -8.74 -6.73 14.58
N TRP A 329 -9.48 -6.86 15.68
CA TRP A 329 -8.91 -7.37 16.91
C TRP A 329 -8.94 -8.89 17.01
N GLU A 330 -9.96 -9.53 16.45
CA GLU A 330 -10.06 -10.99 16.59
C GLU A 330 -9.31 -11.74 15.50
N ASN A 331 -9.20 -11.16 14.30
CA ASN A 331 -8.61 -11.86 13.17
C ASN A 331 -7.11 -11.61 13.01
N SER A 332 -6.62 -10.49 13.51
CA SER A 332 -5.20 -10.15 13.39
C SER A 332 -4.29 -11.04 14.25
N MET A 333 -3.05 -11.21 13.79
CA MET A 333 -2.07 -12.02 14.49
C MET A 333 -1.01 -11.07 15.04
N LEU A 334 -1.20 -10.61 16.27
CA LEU A 334 -0.30 -9.66 16.89
C LEU A 334 0.80 -10.32 17.70
N THR A 335 0.76 -11.64 17.87
CA THR A 335 1.77 -12.36 18.63
C THR A 335 2.15 -13.64 17.88
N ASP A 336 3.38 -14.09 18.10
CA ASP A 336 3.86 -15.29 17.42
C ASP A 336 3.18 -16.52 18.02
N PRO A 337 2.50 -17.34 17.22
CA PRO A 337 1.90 -18.56 17.74
C PRO A 337 2.95 -19.55 18.22
N GLY A 338 2.71 -20.14 19.38
CA GLY A 338 3.73 -20.91 20.07
C GLY A 338 4.11 -22.28 19.54
N ASN A 339 3.23 -23.27 19.68
CA ASN A 339 3.66 -24.66 19.64
C ASN A 339 4.25 -25.09 18.31
N VAL A 340 3.42 -25.25 17.28
CA VAL A 340 3.90 -25.44 15.92
C VAL A 340 2.96 -24.73 14.96
N GLN A 341 3.29 -23.51 14.60
CA GLN A 341 2.50 -22.73 13.64
C GLN A 341 3.43 -21.90 12.77
N LYS A 342 4.46 -22.55 12.21
CA LYS A 342 5.50 -21.85 11.47
C LYS A 342 4.91 -20.79 10.56
N ALA A 343 5.24 -19.53 10.82
CA ALA A 343 4.54 -18.41 10.22
C ALA A 343 5.53 -17.36 9.78
N VAL A 344 5.40 -16.90 8.54
CA VAL A 344 6.24 -15.84 8.02
C VAL A 344 5.71 -14.52 8.56
N CYS A 345 6.26 -14.04 9.68
CA CYS A 345 5.81 -12.78 10.25
C CYS A 345 6.80 -11.68 9.90
N HIS A 346 6.61 -11.13 8.71
CA HIS A 346 7.24 -9.89 8.29
C HIS A 346 6.17 -8.82 8.36
N PRO A 347 6.32 -7.81 9.22
CA PRO A 347 5.19 -6.93 9.56
C PRO A 347 4.58 -6.29 8.33
N THR A 348 3.32 -6.63 8.07
CA THR A 348 2.58 -6.12 6.93
C THR A 348 1.13 -5.88 7.32
N ALA A 349 0.45 -5.06 6.54
CA ALA A 349 -0.96 -4.76 6.75
C ALA A 349 -1.76 -5.28 5.57
N TRP A 350 -2.78 -6.07 5.84
CA TRP A 350 -3.56 -6.73 4.80
C TRP A 350 -4.87 -5.98 4.55
N ASP A 351 -5.37 -6.11 3.33
CA ASP A 351 -6.56 -5.41 2.87
C ASP A 351 -7.47 -6.37 2.12
N LEU A 352 -7.80 -7.49 2.77
CA LEU A 352 -8.54 -8.58 2.14
C LEU A 352 -9.78 -8.11 1.39
N GLY A 353 -10.32 -6.95 1.74
CA GLY A 353 -11.47 -6.40 1.05
C GLY A 353 -12.77 -6.67 1.79
N LYS A 354 -13.83 -6.04 1.28
CA LYS A 354 -15.18 -6.15 1.85
C LYS A 354 -15.19 -5.77 3.33
N GLY A 355 -14.33 -4.85 3.72
CA GLY A 355 -14.31 -4.38 5.10
C GLY A 355 -13.54 -5.26 6.06
N ASP A 356 -12.57 -6.03 5.59
CA ASP A 356 -11.77 -6.92 6.42
C ASP A 356 -10.32 -6.47 6.36
N PHE A 357 -9.84 -5.88 7.45
CA PHE A 357 -8.46 -5.43 7.57
C PHE A 357 -7.77 -6.20 8.69
N ARG A 358 -6.54 -6.65 8.43
CA ARG A 358 -5.81 -7.44 9.39
C ARG A 358 -4.34 -7.01 9.39
N ILE A 359 -3.64 -7.35 10.46
CA ILE A 359 -2.23 -7.06 10.62
C ILE A 359 -1.52 -8.35 11.04
N LEU A 360 -0.39 -8.64 10.39
CA LEU A 360 0.40 -9.84 10.67
C LEU A 360 1.81 -9.41 11.03
N MET A 361 2.18 -9.59 12.30
CA MET A 361 3.52 -9.25 12.73
C MET A 361 3.83 -9.92 14.07
N CYS A 362 5.10 -10.27 14.25
CA CYS A 362 5.61 -10.87 15.48
C CYS A 362 6.12 -9.74 16.36
N THR A 363 5.29 -9.29 17.30
CA THR A 363 5.66 -8.16 18.14
C THR A 363 6.36 -8.62 19.41
N LYS A 364 7.54 -8.03 19.65
CA LYS A 364 8.22 -8.19 20.93
C LYS A 364 8.03 -6.91 21.73
N VAL A 365 8.61 -6.86 22.93
CA VAL A 365 8.52 -5.66 23.75
C VAL A 365 9.80 -4.85 23.59
N THR A 366 9.84 -4.00 22.57
CA THR A 366 10.99 -3.13 22.31
C THR A 366 10.45 -1.77 21.88
N MET A 367 11.34 -0.95 21.34
CA MET A 367 10.95 0.34 20.76
C MET A 367 10.77 0.26 19.25
N ASP A 368 11.56 -0.58 18.58
CA ASP A 368 11.39 -0.75 17.14
C ASP A 368 10.02 -1.30 16.80
N ASP A 369 9.50 -2.25 17.59
CA ASP A 369 8.14 -2.71 17.39
C ASP A 369 7.13 -1.63 17.76
N PHE A 370 7.45 -0.81 18.75
CA PHE A 370 6.56 0.28 19.11
C PHE A 370 6.43 1.31 18.00
N LEU A 371 7.43 1.41 17.12
CA LEU A 371 7.31 2.31 15.99
C LEU A 371 6.75 1.59 14.76
N THR A 372 7.07 0.30 14.61
CA THR A 372 6.54 -0.46 13.48
C THR A 372 5.03 -0.62 13.59
N ALA A 373 4.50 -0.68 14.82
CA ALA A 373 3.05 -0.72 15.00
C ALA A 373 2.40 0.53 14.39
N HIS A 374 2.97 1.70 14.68
CA HIS A 374 2.45 2.93 14.09
C HIS A 374 2.61 2.92 12.58
N HIS A 375 3.73 2.42 12.08
CA HIS A 375 3.94 2.38 10.63
C HIS A 375 2.89 1.52 9.95
N GLU A 376 2.58 0.35 10.51
CA GLU A 376 1.59 -0.53 9.90
C GLU A 376 0.17 0.01 10.04
N MET A 377 -0.16 0.58 11.21
CA MET A 377 -1.48 1.16 11.35
C MET A 377 -1.68 2.37 10.45
N GLY A 378 -0.60 3.02 10.02
CA GLY A 378 -0.74 4.04 9.00
C GLY A 378 -1.26 3.48 7.69
N HIS A 379 -0.69 2.36 7.25
CA HIS A 379 -1.19 1.68 6.05
C HIS A 379 -2.64 1.25 6.25
N ILE A 380 -2.96 0.74 7.44
CA ILE A 380 -4.33 0.28 7.69
C ILE A 380 -5.30 1.46 7.60
N GLN A 381 -4.92 2.63 8.13
CA GLN A 381 -5.80 3.79 8.06
C GLN A 381 -5.95 4.27 6.62
N TYR A 382 -4.86 4.28 5.86
CA TYR A 382 -4.97 4.63 4.45
C TYR A 382 -5.93 3.69 3.72
N ASP A 383 -5.82 2.39 3.97
CA ASP A 383 -6.71 1.43 3.33
C ASP A 383 -8.15 1.64 3.75
N MET A 384 -8.39 1.96 5.02
CA MET A 384 -9.74 2.23 5.47
C MET A 384 -10.29 3.50 4.87
N ALA A 385 -9.42 4.43 4.46
CA ALA A 385 -9.89 5.71 3.94
C ALA A 385 -10.64 5.54 2.63
N TYR A 386 -9.98 5.01 1.60
CA TYR A 386 -10.52 5.02 0.24
C TYR A 386 -11.33 3.77 -0.08
N ALA A 387 -11.88 3.08 0.92
CA ALA A 387 -12.58 1.84 0.67
C ALA A 387 -13.93 2.02 -0.03
N ALA A 388 -14.31 3.24 -0.36
CA ALA A 388 -15.56 3.50 -1.06
C ALA A 388 -15.39 3.63 -2.57
N GLN A 389 -14.16 3.66 -3.06
CA GLN A 389 -13.91 3.81 -4.48
C GLN A 389 -14.15 2.48 -5.20
N PRO A 390 -14.30 2.51 -6.52
CA PRO A 390 -14.36 1.26 -7.29
C PRO A 390 -13.12 0.41 -7.08
N PHE A 391 -13.19 -0.83 -7.57
CA PHE A 391 -12.16 -1.82 -7.25
C PHE A 391 -10.82 -1.44 -7.86
N LEU A 392 -10.82 -0.92 -9.09
CA LEU A 392 -9.57 -0.62 -9.77
C LEU A 392 -8.95 0.69 -9.30
N LEU A 393 -9.62 1.44 -8.42
CA LEU A 393 -9.12 2.71 -7.94
C LEU A 393 -8.81 2.68 -6.44
N ARG A 394 -8.42 1.54 -5.91
CA ARG A 394 -8.07 1.42 -4.50
C ARG A 394 -6.56 1.23 -4.38
N ASN A 395 -5.84 2.34 -4.40
CA ASN A 395 -4.40 2.39 -4.24
C ASN A 395 -4.01 3.83 -3.99
N GLY A 396 -2.77 4.04 -3.55
CA GLY A 396 -2.26 5.38 -3.41
C GLY A 396 -2.24 6.12 -4.72
N ALA A 397 -2.15 7.45 -4.63
CA ALA A 397 -2.14 8.27 -5.84
C ALA A 397 -1.05 7.82 -6.81
N ASN A 398 0.08 7.36 -6.29
CA ASN A 398 1.10 6.67 -7.07
C ASN A 398 1.91 5.81 -6.11
N GLU A 399 2.99 5.22 -6.61
CA GLU A 399 3.76 4.27 -5.82
C GLU A 399 4.53 4.93 -4.68
N GLY A 400 4.44 6.24 -4.52
CA GLY A 400 5.21 6.91 -3.49
C GLY A 400 4.37 7.59 -2.43
N PHE A 401 3.08 7.27 -2.36
CA PHE A 401 2.22 7.90 -1.36
C PHE A 401 2.00 6.99 -0.16
N HIS A 402 1.85 5.68 -0.41
CA HIS A 402 1.52 4.75 0.66
C HIS A 402 2.59 4.77 1.74
N GLU A 403 3.85 4.62 1.34
CA GLU A 403 4.93 4.54 2.34
C GLU A 403 5.20 5.90 2.97
N ALA A 404 4.99 7.00 2.24
CA ALA A 404 5.14 8.32 2.85
C ALA A 404 4.12 8.51 3.96
N VAL A 405 2.86 8.13 3.70
CA VAL A 405 1.84 8.24 4.73
C VAL A 405 2.15 7.31 5.91
N GLY A 406 2.61 6.10 5.61
CA GLY A 406 2.95 5.19 6.68
C GLY A 406 4.19 5.60 7.46
N GLU A 407 5.00 6.49 6.89
CA GLU A 407 6.24 6.87 7.54
C GLU A 407 6.12 8.16 8.35
N ILE A 408 5.25 9.08 7.94
CA ILE A 408 5.10 10.31 8.72
C ILE A 408 4.59 10.00 10.12
N MET A 409 3.80 8.93 10.26
CA MET A 409 3.29 8.54 11.57
C MET A 409 4.42 8.13 12.50
N SER A 410 5.26 7.19 12.07
CA SER A 410 6.38 6.77 12.90
C SER A 410 7.39 7.90 13.08
N LEU A 411 7.43 8.85 12.15
CA LEU A 411 8.29 10.02 12.33
C LEU A 411 7.79 10.87 13.49
N SER A 412 6.49 11.16 13.53
CA SER A 412 5.97 12.04 14.56
C SER A 412 5.69 11.30 15.88
N ALA A 413 5.78 9.97 15.88
CA ALA A 413 5.46 9.21 17.07
C ALA A 413 6.68 8.79 17.88
N ALA A 414 7.89 9.22 17.49
CA ALA A 414 9.11 8.87 18.21
C ALA A 414 9.78 10.09 18.82
N THR A 415 9.10 11.22 18.88
CA THR A 415 9.65 12.41 19.49
C THR A 415 9.68 12.25 21.01
N PRO A 416 10.54 12.99 21.70
CA PRO A 416 10.49 12.97 23.17
C PRO A 416 9.24 13.61 23.73
N LYS A 417 8.72 14.66 23.08
CA LYS A 417 7.52 15.31 23.59
C LYS A 417 6.32 14.39 23.55
N HIS A 418 6.26 13.49 22.56
CA HIS A 418 5.17 12.53 22.51
C HIS A 418 5.41 11.37 23.47
N LEU A 419 6.66 10.94 23.61
CA LEU A 419 6.96 9.82 24.48
C LEU A 419 6.79 10.18 25.95
N LYS A 420 6.93 11.46 26.30
CA LYS A 420 6.83 11.88 27.68
C LYS A 420 5.39 12.11 28.14
N SER A 421 4.42 11.98 27.24
CA SER A 421 3.02 12.07 27.62
C SER A 421 2.35 10.72 27.73
N ILE A 422 2.86 9.70 27.03
CA ILE A 422 2.33 8.35 27.20
C ILE A 422 2.69 7.80 28.57
N GLY A 423 3.91 8.08 29.03
CA GLY A 423 4.39 7.58 30.31
C GLY A 423 5.69 6.82 30.25
N LEU A 424 6.36 6.74 29.10
CA LEU A 424 7.57 5.95 28.96
C LEU A 424 8.82 6.70 29.38
N LEU A 425 8.73 8.00 29.65
CA LEU A 425 9.87 8.81 30.06
C LEU A 425 9.59 9.46 31.40
N SER A 426 10.66 9.80 32.10
CA SER A 426 10.54 10.49 33.37
C SER A 426 9.78 11.80 33.17
N PRO A 427 9.13 12.35 34.20
CA PRO A 427 8.27 13.52 33.99
C PRO A 427 9.02 14.78 33.60
N ASP A 428 10.25 14.98 34.06
CA ASP A 428 10.97 16.20 33.72
C ASP A 428 11.84 16.02 32.47
N PHE A 429 12.87 15.17 32.57
CA PHE A 429 13.72 14.78 31.44
C PHE A 429 14.12 15.95 30.56
N GLN A 430 14.90 16.89 31.09
CA GLN A 430 15.33 18.03 30.28
C GLN A 430 16.14 17.57 29.08
N GLU A 431 15.83 18.14 27.92
CA GLU A 431 16.52 17.78 26.68
C GLU A 431 17.65 18.77 26.40
N ASP A 432 18.76 18.22 25.89
CA ASP A 432 19.92 19.00 25.53
C ASP A 432 20.13 18.96 24.02
N ASN A 433 21.10 19.73 23.55
CA ASN A 433 21.36 19.78 22.11
C ASN A 433 22.28 18.66 21.63
N GLU A 434 23.05 18.05 22.53
CA GLU A 434 23.93 16.97 22.13
C GLU A 434 23.14 15.75 21.66
N THR A 435 22.12 15.35 22.43
CA THR A 435 21.27 14.24 21.99
C THR A 435 20.48 14.63 20.74
N GLU A 436 20.14 15.92 20.61
CA GLU A 436 19.52 16.41 19.38
C GLU A 436 20.38 16.13 18.17
N ILE A 437 21.67 16.50 18.25
CA ILE A 437 22.57 16.26 17.12
C ILE A 437 22.78 14.76 16.90
N ASN A 438 22.88 14.00 17.98
CA ASN A 438 22.99 12.54 17.84
C ASN A 438 21.84 11.99 17.02
N PHE A 439 20.61 12.35 17.38
CA PHE A 439 19.43 11.83 16.68
C PHE A 439 19.39 12.32 15.24
N LEU A 440 19.68 13.61 15.01
CA LEU A 440 19.63 14.13 13.66
C LEU A 440 20.66 13.45 12.76
N LEU A 441 21.85 13.17 13.29
CA LEU A 441 22.86 12.51 12.47
C LEU A 441 22.51 11.06 12.23
N LYS A 442 21.95 10.37 13.23
CA LYS A 442 21.52 9.00 12.99
C LYS A 442 20.40 8.95 11.96
N GLN A 443 19.58 10.00 11.87
CA GLN A 443 18.59 10.07 10.82
C GLN A 443 19.20 10.38 9.47
N ALA A 444 20.24 11.21 9.42
CA ALA A 444 20.83 11.60 8.14
C ALA A 444 21.52 10.43 7.45
N LEU A 445 22.10 9.50 8.23
CA LEU A 445 22.83 8.40 7.62
C LEU A 445 21.92 7.43 6.88
N THR A 446 20.61 7.52 7.13
CA THR A 446 19.63 6.65 6.47
C THR A 446 18.80 7.38 5.43
N ILE A 447 18.42 8.63 5.70
CA ILE A 447 17.61 9.40 4.78
C ILE A 447 18.43 9.98 3.63
N VAL A 448 19.50 10.70 3.96
CA VAL A 448 20.28 11.39 2.93
C VAL A 448 21.33 10.47 2.32
N GLY A 449 21.77 9.45 3.05
CA GLY A 449 22.80 8.57 2.54
C GLY A 449 22.35 7.66 1.42
N THR A 450 21.07 7.66 1.06
CA THR A 450 20.55 6.76 0.05
C THR A 450 20.01 7.47 -1.18
N LEU A 451 19.78 8.78 -1.10
CA LEU A 451 19.22 9.50 -2.24
C LEU A 451 20.17 9.53 -3.42
N PRO A 452 21.47 9.85 -3.24
CA PRO A 452 22.37 9.77 -4.39
C PRO A 452 22.48 8.38 -4.98
N PHE A 453 22.54 7.34 -4.13
CA PHE A 453 22.62 5.99 -4.64
C PHE A 453 21.40 5.63 -5.48
N THR A 454 20.21 5.94 -4.98
CA THR A 454 18.98 5.64 -5.71
C THR A 454 18.93 6.39 -7.02
N TYR A 455 19.22 7.70 -6.99
CA TYR A 455 19.20 8.50 -8.20
C TYR A 455 20.17 7.96 -9.23
N MET A 456 21.39 7.62 -8.80
CA MET A 456 22.39 7.13 -9.72
C MET A 456 22.01 5.80 -10.33
N LEU A 457 21.49 4.87 -9.52
CA LEU A 457 21.11 3.57 -10.03
C LEU A 457 19.98 3.68 -11.05
N GLU A 458 18.97 4.49 -10.73
CA GLU A 458 17.86 4.61 -11.68
C GLU A 458 18.29 5.35 -12.94
N LYS A 459 19.23 6.31 -12.83
CA LYS A 459 19.75 6.94 -14.03
C LYS A 459 20.49 5.94 -14.90
N TRP A 460 21.31 5.09 -14.28
CA TRP A 460 22.01 4.06 -15.05
C TRP A 460 21.03 3.14 -15.76
N ARG A 461 19.98 2.70 -15.06
CA ARG A 461 19.03 1.78 -15.68
C ARG A 461 18.26 2.45 -16.81
N TRP A 462 17.88 3.72 -16.64
CA TRP A 462 17.21 4.42 -17.72
C TRP A 462 18.10 4.55 -18.94
N MET A 463 19.39 4.85 -18.72
CA MET A 463 20.29 4.98 -19.86
C MET A 463 20.59 3.64 -20.51
N VAL A 464 20.59 2.56 -19.74
CA VAL A 464 20.79 1.24 -20.32
C VAL A 464 19.61 0.85 -21.19
N PHE A 465 18.38 1.00 -20.67
CA PHE A 465 17.21 0.61 -21.45
C PHE A 465 17.01 1.51 -22.66
N LYS A 466 17.29 2.81 -22.51
CA LYS A 466 17.04 3.74 -23.61
C LYS A 466 17.92 3.44 -24.81
N GLY A 467 19.10 2.86 -24.60
CA GLY A 467 20.02 2.58 -25.67
C GLY A 467 21.16 3.57 -25.83
N GLU A 468 21.53 4.29 -24.78
CA GLU A 468 22.63 5.24 -24.86
C GLU A 468 23.94 4.65 -24.38
N ILE A 469 23.90 3.59 -23.59
CA ILE A 469 25.08 2.91 -23.08
C ILE A 469 25.19 1.57 -23.80
N PRO A 470 25.98 1.47 -24.87
CA PRO A 470 26.11 0.19 -25.57
C PRO A 470 26.64 -0.89 -24.64
N LYS A 471 26.32 -2.14 -24.97
CA LYS A 471 26.57 -3.24 -24.05
C LYS A 471 28.04 -3.58 -23.90
N ASP A 472 28.95 -2.80 -24.47
CA ASP A 472 30.37 -2.93 -24.21
C ASP A 472 30.91 -1.79 -23.35
N GLN A 473 30.02 -0.98 -22.77
CA GLN A 473 30.42 0.09 -21.87
C GLN A 473 29.54 0.14 -20.64
N TRP A 474 29.12 -1.01 -20.12
CA TRP A 474 28.22 -1.03 -18.98
C TRP A 474 28.97 -0.79 -17.68
N MET A 475 30.02 -1.58 -17.42
CA MET A 475 30.74 -1.46 -16.16
C MET A 475 31.53 -0.16 -16.10
N LYS A 476 32.12 0.25 -17.22
CA LYS A 476 32.87 1.50 -17.26
C LYS A 476 31.98 2.68 -16.88
N LYS A 477 30.80 2.77 -17.51
CA LYS A 477 29.89 3.87 -17.20
C LYS A 477 29.33 3.75 -15.79
N TRP A 478 29.08 2.53 -15.33
CA TRP A 478 28.59 2.35 -13.97
C TRP A 478 29.57 2.91 -12.96
N TRP A 479 30.85 2.57 -13.10
CA TRP A 479 31.82 3.06 -12.11
C TRP A 479 32.17 4.53 -12.32
N GLU A 480 32.12 5.02 -13.56
CA GLU A 480 32.28 6.46 -13.76
C GLU A 480 31.19 7.24 -13.03
N MET A 481 29.94 6.80 -13.17
CA MET A 481 28.86 7.51 -12.49
C MET A 481 28.92 7.32 -10.99
N LYS A 482 29.35 6.15 -10.51
CA LYS A 482 29.49 5.98 -9.07
C LYS A 482 30.60 6.87 -8.51
N ARG A 483 31.65 7.13 -9.30
CA ARG A 483 32.69 8.05 -8.83
C ARG A 483 32.21 9.49 -8.88
N GLU A 484 31.41 9.84 -9.87
CA GLU A 484 31.06 11.24 -10.07
C GLU A 484 29.88 11.69 -9.20
N ILE A 485 28.91 10.82 -8.97
CA ILE A 485 27.69 11.22 -8.25
C ILE A 485 27.72 10.77 -6.80
N VAL A 486 27.78 9.46 -6.56
CA VAL A 486 27.74 8.97 -5.19
C VAL A 486 29.00 9.34 -4.43
N GLY A 487 30.15 9.27 -5.08
CA GLY A 487 31.39 9.63 -4.45
C GLY A 487 32.16 8.50 -3.83
N VAL A 488 32.00 7.27 -4.32
CA VAL A 488 32.72 6.11 -3.83
C VAL A 488 33.49 5.51 -4.98
N VAL A 489 34.58 4.80 -4.66
CA VAL A 489 35.44 4.19 -5.65
C VAL A 489 35.59 2.72 -5.33
N GLU A 490 35.78 1.92 -6.37
CA GLU A 490 35.91 0.49 -6.17
C GLU A 490 37.34 0.15 -5.75
N PRO A 491 37.52 -0.91 -4.95
CA PRO A 491 38.87 -1.28 -4.52
C PRO A 491 39.61 -2.18 -5.49
N VAL A 492 38.93 -2.73 -6.49
CA VAL A 492 39.54 -3.65 -7.44
C VAL A 492 38.97 -3.38 -8.83
N PRO A 493 39.79 -3.26 -9.87
CA PRO A 493 39.26 -2.94 -11.19
C PRO A 493 38.32 -4.02 -11.70
N HIS A 494 37.21 -3.59 -12.27
CA HIS A 494 36.17 -4.49 -12.76
C HIS A 494 36.06 -4.31 -14.27
N ASP A 495 36.43 -5.33 -15.02
CA ASP A 495 36.38 -5.26 -16.48
C ASP A 495 34.95 -5.56 -16.93
N GLU A 496 34.76 -5.84 -18.22
CA GLU A 496 33.43 -5.97 -18.80
C GLU A 496 32.89 -7.40 -18.77
N THR A 497 33.38 -8.23 -17.86
CA THR A 497 32.80 -9.54 -17.62
C THR A 497 31.87 -9.54 -16.41
N TYR A 498 32.03 -8.57 -15.51
CA TYR A 498 31.21 -8.47 -14.31
C TYR A 498 29.89 -7.77 -14.63
N CYS A 499 28.94 -7.89 -13.71
CA CYS A 499 27.69 -7.13 -13.74
C CYS A 499 27.35 -6.79 -12.29
N ASP A 500 27.78 -5.62 -11.86
CA ASP A 500 27.67 -5.22 -10.46
C ASP A 500 26.24 -4.84 -10.06
N PRO A 501 25.50 -4.07 -10.86
CA PRO A 501 24.11 -3.77 -10.45
C PRO A 501 23.24 -5.00 -10.35
N ALA A 502 23.43 -5.98 -11.22
CA ALA A 502 22.61 -7.20 -11.20
C ALA A 502 22.72 -7.96 -9.89
N SER A 503 23.70 -7.65 -9.04
CA SER A 503 23.81 -8.28 -7.74
C SER A 503 22.97 -7.60 -6.68
N LEU A 504 22.03 -6.75 -7.07
CA LEU A 504 21.13 -6.08 -6.14
C LEU A 504 19.73 -6.65 -6.28
N PHE A 505 19.00 -6.73 -5.17
CA PHE A 505 17.72 -7.42 -5.16
C PHE A 505 16.73 -6.79 -6.13
N HIS A 506 16.70 -5.46 -6.19
CA HIS A 506 15.72 -4.79 -7.03
C HIS A 506 16.13 -4.78 -8.50
N VAL A 507 17.36 -5.14 -8.81
CA VAL A 507 17.80 -5.15 -10.20
C VAL A 507 17.62 -6.51 -10.84
N SER A 508 17.86 -7.59 -10.10
CA SER A 508 17.71 -8.92 -10.64
C SER A 508 16.30 -9.47 -10.53
N ASN A 509 15.47 -8.91 -9.64
CA ASN A 509 14.09 -9.34 -9.49
C ASN A 509 13.11 -8.42 -10.20
N ASP A 510 13.61 -7.47 -10.98
CA ASP A 510 12.78 -6.61 -11.83
C ASP A 510 11.75 -5.84 -11.01
N TYR A 511 12.25 -4.97 -10.14
CA TYR A 511 11.41 -4.03 -9.40
C TYR A 511 11.86 -2.62 -9.70
N SER A 512 10.92 -1.69 -9.73
CA SER A 512 11.27 -0.29 -9.93
C SER A 512 12.02 0.24 -8.72
N PHE A 513 12.69 1.37 -8.91
CA PHE A 513 13.52 1.94 -7.86
C PHE A 513 13.35 3.44 -7.68
N ILE A 514 12.52 4.09 -8.50
CA ILE A 514 12.33 5.53 -8.35
C ILE A 514 11.33 5.87 -7.27
N ARG A 515 10.62 4.89 -6.72
CA ARG A 515 9.68 5.16 -5.64
C ARG A 515 10.42 5.50 -4.35
N TYR A 516 11.59 4.89 -4.12
CA TYR A 516 12.37 5.18 -2.93
C TYR A 516 12.98 6.56 -2.95
N TYR A 517 12.94 7.24 -4.10
CA TYR A 517 13.42 8.62 -4.18
C TYR A 517 12.31 9.63 -3.98
N THR A 518 11.15 9.42 -4.60
CA THR A 518 10.04 10.34 -4.45
C THR A 518 9.36 10.20 -3.09
N ARG A 519 9.43 9.02 -2.49
CA ARG A 519 8.86 8.85 -1.16
C ARG A 519 9.58 9.71 -0.14
N THR A 520 10.90 9.79 -0.23
CA THR A 520 11.66 10.56 0.75
C THR A 520 11.35 12.04 0.66
N LEU A 521 10.92 12.51 -0.50
CA LEU A 521 10.54 13.91 -0.64
C LEU A 521 9.11 14.15 -0.21
N TYR A 522 8.18 13.27 -0.60
CA TYR A 522 6.79 13.40 -0.19
C TYR A 522 6.65 13.33 1.32
N GLN A 523 7.46 12.50 1.99
CA GLN A 523 7.37 12.35 3.43
C GLN A 523 7.60 13.68 4.13
N PHE A 524 8.70 14.35 3.83
CA PHE A 524 8.98 15.62 4.50
C PHE A 524 8.09 16.75 4.00
N GLN A 525 7.62 16.68 2.76
CA GLN A 525 6.63 17.66 2.30
C GLN A 525 5.37 17.56 3.15
N PHE A 526 4.86 16.34 3.34
CA PHE A 526 3.68 16.15 4.18
C PHE A 526 3.95 16.59 5.61
N GLN A 527 5.13 16.26 6.14
CA GLN A 527 5.43 16.61 7.53
C GLN A 527 5.44 18.11 7.73
N GLU A 528 6.06 18.85 6.81
CA GLU A 528 6.06 20.31 6.96
C GLU A 528 4.67 20.89 6.69
N ALA A 529 3.88 20.27 5.82
CA ALA A 529 2.54 20.79 5.57
C ALA A 529 1.64 20.59 6.79
N LEU A 530 1.82 19.48 7.51
CA LEU A 530 1.03 19.23 8.71
C LEU A 530 1.55 19.98 9.92
N CYS A 531 2.85 20.28 9.98
CA CYS A 531 3.39 21.06 11.08
C CYS A 531 2.83 22.47 11.13
N GLN A 532 2.35 23.00 10.02
CA GLN A 532 1.82 24.36 10.00
C GLN A 532 0.33 24.42 10.34
N ALA A 533 -0.40 23.32 10.16
CA ALA A 533 -1.78 23.28 10.60
C ALA A 533 -1.88 23.06 12.11
N ALA A 534 -0.97 22.28 12.68
CA ALA A 534 -0.88 22.12 14.12
C ALA A 534 -0.20 23.30 14.80
N LYS A 535 0.27 24.28 14.02
CA LYS A 535 0.89 25.49 14.54
C LYS A 535 2.07 25.16 15.46
N HIS A 536 3.08 24.54 14.87
CA HIS A 536 4.33 24.28 15.56
C HIS A 536 5.18 25.55 15.60
N GLU A 537 6.10 25.60 16.56
CA GLU A 537 6.91 26.78 16.77
C GLU A 537 8.40 26.56 16.58
N GLY A 538 8.96 25.52 17.17
CA GLY A 538 10.39 25.30 17.14
C GLY A 538 10.86 24.65 15.85
N PRO A 539 11.97 23.91 15.91
CA PRO A 539 12.46 23.21 14.73
C PRO A 539 11.48 22.15 14.26
N LEU A 540 11.72 21.64 13.04
CA LEU A 540 10.77 20.71 12.45
C LEU A 540 10.89 19.32 13.03
N HIS A 541 12.08 18.93 13.49
CA HIS A 541 12.24 17.56 13.98
C HIS A 541 11.67 17.36 15.37
N LYS A 542 11.01 18.36 15.95
CA LYS A 542 10.30 18.22 17.21
C LYS A 542 8.79 18.31 17.03
N CYS A 543 8.29 18.01 15.83
CA CYS A 543 6.87 18.16 15.55
C CYS A 543 6.07 17.01 16.14
N ASP A 544 4.83 17.33 16.53
CA ASP A 544 3.87 16.34 16.99
C ASP A 544 2.51 16.78 16.49
N ILE A 545 1.85 15.91 15.72
CA ILE A 545 0.58 16.27 15.09
C ILE A 545 -0.58 15.80 15.95
N SER A 546 -0.30 15.04 17.01
CA SER A 546 -1.35 14.53 17.86
C SER A 546 -2.09 15.67 18.57
N ASN A 547 -3.33 15.40 18.97
CA ASN A 547 -4.22 16.33 19.64
C ASN A 547 -4.58 17.53 18.79
N SER A 548 -4.53 17.41 17.47
CA SER A 548 -4.91 18.48 16.55
C SER A 548 -5.84 17.91 15.50
N THR A 549 -7.03 18.47 15.37
CA THR A 549 -8.00 18.01 14.40
C THR A 549 -7.89 18.71 13.05
N GLU A 550 -6.95 19.64 12.90
CA GLU A 550 -6.72 20.26 11.59
C GLU A 550 -5.80 19.40 10.74
N ALA A 551 -4.73 18.86 11.33
CA ALA A 551 -3.86 17.96 10.59
C ALA A 551 -4.62 16.74 10.11
N GLY A 552 -5.46 16.17 10.97
CA GLY A 552 -6.26 15.02 10.56
C GLY A 552 -7.19 15.33 9.42
N GLN A 553 -7.80 16.52 9.44
CA GLN A 553 -8.71 16.89 8.36
C GLN A 553 -7.95 17.10 7.05
N LYS A 554 -6.81 17.79 7.10
CA LYS A 554 -6.02 18.00 5.89
C LYS A 554 -5.55 16.67 5.32
N LEU A 555 -5.13 15.74 6.18
CA LEU A 555 -4.67 14.45 5.68
C LEU A 555 -5.82 13.62 5.13
N PHE A 556 -7.00 13.70 5.76
CA PHE A 556 -8.13 12.93 5.29
C PHE A 556 -8.69 13.47 3.98
N ASN A 557 -8.50 14.77 3.73
CA ASN A 557 -8.92 15.31 2.44
C ASN A 557 -8.14 14.71 1.28
N MET A 558 -7.03 14.03 1.56
CA MET A 558 -6.24 13.36 0.53
C MET A 558 -6.30 11.85 0.62
N LEU A 559 -6.41 11.30 1.82
CA LEU A 559 -6.42 9.84 1.96
C LEU A 559 -7.62 9.21 1.26
N ARG A 560 -8.75 9.90 1.24
CA ARG A 560 -9.99 9.32 0.73
C ARG A 560 -10.13 9.41 -0.78
N LEU A 561 -9.08 9.84 -1.49
CA LEU A 561 -9.21 10.00 -2.94
C LEU A 561 -8.76 8.76 -3.71
N GLY A 562 -7.79 8.03 -3.18
CA GLY A 562 -7.28 6.88 -3.93
C GLY A 562 -6.67 7.32 -5.24
N LYS A 563 -6.88 6.52 -6.29
CA LYS A 563 -6.43 6.85 -7.62
C LYS A 563 -7.50 7.57 -8.44
N SER A 564 -8.54 8.08 -7.78
CA SER A 564 -9.63 8.70 -8.52
C SER A 564 -9.20 10.02 -9.16
N GLU A 565 -8.22 10.69 -8.56
CA GLU A 565 -7.74 11.98 -9.03
C GLU A 565 -6.27 11.89 -9.39
N PRO A 566 -5.80 12.74 -10.30
CA PRO A 566 -4.36 12.78 -10.59
C PRO A 566 -3.57 13.16 -9.35
N TRP A 567 -2.38 12.55 -9.22
CA TRP A 567 -1.60 12.75 -8.00
C TRP A 567 -1.16 14.19 -7.84
N THR A 568 -1.00 14.93 -8.93
CA THR A 568 -0.62 16.34 -8.81
C THR A 568 -1.74 17.18 -8.24
N LEU A 569 -2.96 16.65 -8.16
CA LEU A 569 -4.05 17.34 -7.49
C LEU A 569 -4.21 16.86 -6.05
N ALA A 570 -4.03 15.56 -5.81
CA ALA A 570 -4.07 15.04 -4.45
C ALA A 570 -2.92 15.61 -3.62
N LEU A 571 -1.83 16.00 -4.28
CA LEU A 571 -0.71 16.60 -3.54
C LEU A 571 -1.00 18.05 -3.18
N GLU A 572 -1.65 18.79 -4.08
CA GLU A 572 -1.97 20.19 -3.80
C GLU A 572 -2.97 20.33 -2.67
N ASN A 573 -3.88 19.35 -2.53
CA ASN A 573 -4.88 19.39 -1.46
C ASN A 573 -4.27 19.26 -0.08
N VAL A 574 -2.95 19.08 0.03
CA VAL A 574 -2.27 18.98 1.31
C VAL A 574 -1.20 20.06 1.46
N VAL A 575 -0.28 20.17 0.50
CA VAL A 575 0.90 21.00 0.68
C VAL A 575 0.71 22.38 0.06
N GLY A 576 -0.08 22.50 -1.00
CA GLY A 576 -0.29 23.78 -1.66
C GLY A 576 0.42 23.94 -2.98
N ALA A 577 1.29 23.01 -3.35
CA ALA A 577 1.99 23.03 -4.63
C ALA A 577 1.69 21.75 -5.40
N LYS A 578 2.11 21.72 -6.66
CA LYS A 578 1.84 20.59 -7.52
C LYS A 578 3.02 19.63 -7.66
N ASN A 579 4.23 20.15 -7.81
CA ASN A 579 5.41 19.33 -8.02
C ASN A 579 6.10 19.04 -6.69
N MET A 580 6.86 17.96 -6.66
CA MET A 580 7.62 17.61 -5.47
C MET A 580 8.73 18.62 -5.25
N ASN A 581 9.02 18.91 -3.99
CA ASN A 581 9.98 19.93 -3.60
C ASN A 581 11.02 19.35 -2.66
N VAL A 582 12.14 20.05 -2.54
CA VAL A 582 13.24 19.62 -1.68
C VAL A 582 13.51 20.58 -0.53
N ARG A 583 12.83 21.73 -0.49
CA ARG A 583 13.05 22.66 0.61
C ARG A 583 12.67 22.11 1.98
N PRO A 584 11.57 21.37 2.15
CA PRO A 584 11.28 20.82 3.49
C PRO A 584 12.36 19.92 4.04
N LEU A 585 13.05 19.14 3.21
CA LEU A 585 14.11 18.27 3.73
C LEU A 585 15.26 19.08 4.30
N LEU A 586 15.68 20.12 3.59
CA LEU A 586 16.73 20.98 4.11
C LEU A 586 16.28 21.75 5.34
N ASN A 587 15.01 22.16 5.39
CA ASN A 587 14.51 22.81 6.60
C ASN A 587 14.49 21.85 7.77
N TYR A 588 14.31 20.56 7.50
CA TYR A 588 14.34 19.56 8.55
C TYR A 588 15.76 19.33 9.05
N PHE A 589 16.74 19.34 8.14
CA PHE A 589 18.12 19.03 8.50
C PHE A 589 18.98 20.27 8.76
N GLU A 590 18.38 21.45 8.84
CA GLU A 590 19.12 22.69 9.10
C GLU A 590 20.11 22.62 10.27
N PRO A 591 19.75 22.18 11.48
CA PRO A 591 20.72 22.24 12.59
C PRO A 591 21.94 21.37 12.35
N LEU A 592 21.74 20.11 11.94
CA LEU A 592 22.86 19.27 11.56
C LEU A 592 23.68 19.91 10.45
N PHE A 593 23.02 20.61 9.52
CA PHE A 593 23.77 21.26 8.45
C PHE A 593 24.70 22.32 8.99
N THR A 594 24.21 23.16 9.90
CA THR A 594 25.09 24.20 10.46
C THR A 594 26.22 23.60 11.27
N TRP A 595 25.91 22.57 12.07
CA TRP A 595 26.95 21.94 12.88
C TRP A 595 28.03 21.32 11.99
N LEU A 596 27.62 20.62 10.94
CA LEU A 596 28.60 20.05 10.01
C LEU A 596 29.42 21.15 9.34
N LYS A 597 28.76 22.24 8.94
CA LYS A 597 29.48 23.33 8.30
C LYS A 597 30.46 24.00 9.25
N ASP A 598 30.31 23.78 10.56
CA ASP A 598 31.30 24.30 11.49
C ASP A 598 32.25 23.24 12.01
N GLN A 599 32.07 21.97 11.63
CA GLN A 599 33.01 20.92 12.00
C GLN A 599 34.03 20.64 10.91
N ASN A 600 33.86 21.21 9.72
CA ASN A 600 34.76 20.98 8.59
C ASN A 600 35.48 22.26 8.18
N LYS A 601 35.99 23.01 9.15
CA LYS A 601 36.78 24.19 8.83
C LYS A 601 38.11 23.81 8.22
N ASN A 602 38.71 22.71 8.68
CA ASN A 602 40.04 22.31 8.26
C ASN A 602 40.04 21.19 7.22
N SER A 603 39.00 20.38 7.17
CA SER A 603 38.93 19.32 6.18
C SER A 603 38.65 19.91 4.80
N PHE A 604 38.60 19.05 3.79
CA PHE A 604 38.40 19.45 2.41
C PHE A 604 37.06 18.91 1.95
N VAL A 605 36.08 19.80 1.78
CA VAL A 605 34.73 19.40 1.39
C VAL A 605 34.71 19.13 -0.11
N GLY A 606 34.39 17.90 -0.47
CA GLY A 606 34.41 17.47 -1.86
C GLY A 606 35.27 16.26 -2.05
N TRP A 607 35.46 15.90 -3.32
CA TRP A 607 36.29 14.75 -3.65
C TRP A 607 36.86 14.95 -5.06
N SER A 608 37.92 14.20 -5.34
CA SER A 608 38.53 14.17 -6.67
C SER A 608 38.41 12.75 -7.21
N THR A 609 38.06 12.64 -8.49
CA THR A 609 37.75 11.35 -9.10
C THR A 609 38.98 10.67 -9.69
N ASP A 610 40.17 10.97 -9.21
CA ASP A 610 41.40 10.39 -9.74
C ASP A 610 42.08 9.43 -8.77
N TRP A 611 42.03 9.69 -7.48
CA TRP A 611 42.63 8.80 -6.50
C TRP A 611 41.88 7.47 -6.47
N SER A 612 42.62 6.37 -6.48
CA SER A 612 42.06 5.03 -6.43
C SER A 612 42.93 4.17 -5.53
N PRO A 613 42.32 3.30 -4.72
CA PRO A 613 43.08 2.56 -3.71
C PRO A 613 44.12 1.61 -4.27
N TYR A 614 44.10 1.31 -5.57
CA TYR A 614 45.08 0.40 -6.16
C TYR A 614 46.16 1.11 -6.96
N ALA A 615 45.96 2.37 -7.33
CA ALA A 615 46.93 3.10 -8.14
C ALA A 615 48.11 3.48 -7.27
N ASP A 616 48.95 2.51 -6.95
CA ASP A 616 50.14 2.70 -6.14
C ASP A 616 51.17 1.60 -6.39
N CYS B 18 -51.96 -11.10 16.79
CA CYS B 18 -51.31 -11.14 15.50
C CYS B 18 -50.09 -12.05 15.57
N PRO B 19 -49.95 -13.01 14.66
CA PRO B 19 -48.83 -13.98 14.74
C PRO B 19 -47.52 -13.39 14.24
N PHE B 20 -46.99 -12.41 14.98
CA PHE B 20 -45.70 -11.83 14.62
C PHE B 20 -44.55 -12.80 14.81
N ASP B 21 -44.76 -13.92 15.51
CA ASP B 21 -43.70 -14.86 15.78
C ASP B 21 -43.22 -15.60 14.53
N GLU B 22 -43.92 -15.47 13.41
CA GLU B 22 -43.51 -16.15 12.18
C GLU B 22 -42.75 -15.26 11.21
N VAL B 23 -43.21 -14.03 10.98
CA VAL B 23 -42.54 -13.18 10.01
C VAL B 23 -41.21 -12.70 10.53
N PHE B 24 -41.01 -12.71 11.85
CA PHE B 24 -39.74 -12.28 12.43
C PHE B 24 -38.79 -13.43 12.71
N ASN B 25 -39.28 -14.67 12.69
CA ASN B 25 -38.51 -15.79 13.20
C ASN B 25 -38.42 -16.98 12.25
N ALA B 26 -38.83 -16.81 10.99
CA ALA B 26 -38.72 -17.90 10.03
C ALA B 26 -37.27 -18.35 9.92
N THR B 27 -37.07 -19.65 9.71
CA THR B 27 -35.73 -20.18 9.62
C THR B 27 -35.00 -19.76 8.35
N THR B 28 -35.74 -19.38 7.31
CA THR B 28 -35.15 -18.97 6.04
C THR B 28 -35.88 -17.75 5.54
N PHE B 29 -35.16 -16.66 5.34
CA PHE B 29 -35.73 -15.44 4.78
C PHE B 29 -35.55 -15.42 3.27
N ALA B 30 -36.45 -14.72 2.59
CA ALA B 30 -36.46 -14.64 1.14
C ALA B 30 -35.29 -13.82 0.63
N SER B 31 -35.24 -13.65 -0.69
CA SER B 31 -34.21 -12.82 -1.31
C SER B 31 -34.81 -11.49 -1.75
N VAL B 32 -33.93 -10.56 -2.13
CA VAL B 32 -34.35 -9.18 -2.34
C VAL B 32 -35.21 -9.05 -3.59
N TYR B 33 -34.83 -9.74 -4.67
CA TYR B 33 -35.56 -9.56 -5.92
C TYR B 33 -36.95 -10.18 -5.85
N ALA B 34 -37.14 -11.17 -4.98
CA ALA B 34 -38.43 -11.81 -4.76
C ALA B 34 -38.70 -11.83 -3.26
N TRP B 35 -39.31 -10.76 -2.75
CA TRP B 35 -39.56 -10.62 -1.33
C TRP B 35 -40.92 -11.20 -0.96
N ASN B 36 -40.94 -11.88 0.18
CA ASN B 36 -42.16 -12.50 0.68
C ASN B 36 -43.07 -11.47 1.32
N ARG B 37 -44.33 -11.46 0.88
CA ARG B 37 -45.31 -10.50 1.40
C ARG B 37 -46.39 -11.30 2.12
N LYS B 38 -46.43 -11.18 3.44
CA LYS B 38 -47.45 -11.81 4.26
C LYS B 38 -48.38 -10.74 4.82
N ARG B 39 -49.68 -10.93 4.63
CA ARG B 39 -50.69 -9.99 5.10
C ARG B 39 -51.26 -10.47 6.42
N ILE B 40 -51.79 -9.54 7.21
CA ILE B 40 -52.36 -9.85 8.52
C ILE B 40 -53.84 -9.48 8.50
N SER B 41 -54.68 -10.45 8.81
CA SER B 41 -56.12 -10.25 8.79
C SER B 41 -56.56 -9.55 10.08
N ASP B 46 -49.96 -6.84 19.02
CA ASP B 46 -49.19 -6.53 20.23
C ASP B 46 -47.77 -6.14 19.83
N TYR B 47 -47.58 -4.85 19.55
CA TYR B 47 -46.27 -4.34 19.14
C TYR B 47 -45.28 -4.20 20.29
N SER B 48 -45.75 -4.28 21.53
CA SER B 48 -44.87 -4.27 22.68
C SER B 48 -43.95 -5.49 22.73
N VAL B 49 -44.19 -6.48 21.88
CA VAL B 49 -43.29 -7.62 21.78
C VAL B 49 -42.09 -7.30 20.88
N LEU B 50 -42.29 -6.50 19.84
CA LEU B 50 -41.20 -6.15 18.95
C LEU B 50 -40.44 -4.91 19.43
N TYR B 51 -41.13 -3.97 20.11
CA TYR B 51 -40.45 -2.76 20.54
C TYR B 51 -39.48 -3.03 21.69
N ASN B 52 -39.80 -3.99 22.56
CA ASN B 52 -39.06 -4.20 23.78
C ASN B 52 -38.06 -5.35 23.69
N PHE B 53 -37.89 -5.95 22.51
CA PHE B 53 -37.24 -7.26 22.45
C PHE B 53 -35.72 -7.17 22.28
N ALA B 54 -35.26 -6.62 21.16
CA ALA B 54 -33.89 -6.93 20.72
C ALA B 54 -33.06 -5.68 20.42
N PRO B 55 -31.75 -5.83 20.12
CA PRO B 55 -30.94 -4.68 19.72
C PRO B 55 -31.53 -3.85 18.59
N PHE B 56 -31.87 -4.47 17.47
CA PHE B 56 -32.54 -3.78 16.37
C PHE B 56 -31.73 -2.61 15.85
N PHE B 57 -30.60 -2.90 15.19
CA PHE B 57 -29.65 -1.91 14.70
C PHE B 57 -30.30 -0.68 14.06
N ALA B 58 -31.47 -0.82 13.46
CA ALA B 58 -32.18 0.32 12.89
C ALA B 58 -33.67 0.15 13.15
N PHE B 59 -34.33 1.23 13.53
CA PHE B 59 -35.77 1.20 13.82
C PHE B 59 -36.29 2.62 13.63
N LYS B 60 -36.93 2.86 12.50
CA LYS B 60 -37.45 4.19 12.17
C LYS B 60 -38.88 4.04 11.67
N CYS B 61 -39.81 4.74 12.32
CA CYS B 61 -41.19 4.76 11.87
C CYS B 61 -41.52 6.15 11.35
N TYR B 62 -42.16 6.21 10.19
CA TYR B 62 -42.20 7.42 9.37
C TYR B 62 -43.52 8.16 9.46
N GLY B 63 -44.63 7.50 9.16
CA GLY B 63 -45.91 8.18 9.19
C GLY B 63 -46.51 8.27 10.58
N VAL B 64 -46.35 7.20 11.36
CA VAL B 64 -46.92 7.10 12.69
C VAL B 64 -45.80 7.20 13.72
N SER B 65 -46.08 7.91 14.83
CA SER B 65 -45.09 7.96 15.89
C SER B 65 -44.92 6.57 16.52
N PRO B 66 -43.68 6.18 16.83
CA PRO B 66 -43.42 4.81 17.25
C PRO B 66 -44.09 4.41 18.56
N THR B 67 -44.44 5.36 19.41
CA THR B 67 -44.92 5.03 20.74
C THR B 67 -46.42 4.74 20.77
N LYS B 68 -47.20 5.49 20.00
CA LYS B 68 -48.66 5.42 20.07
C LYS B 68 -49.23 4.40 19.08
N LEU B 69 -48.48 3.34 18.80
CA LEU B 69 -48.90 2.34 17.83
C LEU B 69 -50.07 1.50 18.34
N ASN B 70 -50.65 1.89 19.46
CA ASN B 70 -51.70 1.10 20.10
C ASN B 70 -53.05 1.81 20.12
N ASP B 71 -53.13 3.06 19.68
CA ASP B 71 -54.41 3.77 19.68
C ASP B 71 -54.93 4.09 18.29
N LEU B 72 -54.08 4.01 17.26
CA LEU B 72 -54.50 4.20 15.89
C LEU B 72 -54.28 2.90 15.12
N CYS B 73 -55.36 2.41 14.51
CA CYS B 73 -55.31 1.13 13.83
C CYS B 73 -55.93 1.27 12.45
N PHE B 74 -55.71 0.26 11.62
CA PHE B 74 -55.95 0.35 10.18
C PHE B 74 -56.60 -0.95 9.69
N THR B 75 -56.96 -0.96 8.41
CA THR B 75 -57.70 -2.09 7.85
C THR B 75 -56.84 -3.35 7.81
N ASN B 76 -55.60 -3.23 7.36
CA ASN B 76 -54.72 -4.39 7.25
C ASN B 76 -53.28 -3.92 7.22
N VAL B 77 -52.38 -4.78 7.69
CA VAL B 77 -50.95 -4.51 7.69
C VAL B 77 -50.27 -5.58 6.85
N TYR B 78 -49.16 -5.21 6.22
CA TYR B 78 -48.34 -6.13 5.45
C TYR B 78 -46.91 -6.11 5.99
N ALA B 79 -46.26 -7.26 5.95
CA ALA B 79 -44.92 -7.40 6.50
C ALA B 79 -44.01 -8.05 5.46
N ASP B 80 -43.39 -7.24 4.62
CA ASP B 80 -42.43 -7.72 3.64
C ASP B 80 -41.14 -8.09 4.35
N SER B 81 -40.32 -8.92 3.71
CA SER B 81 -39.08 -9.38 4.30
C SER B 81 -38.06 -9.69 3.22
N PHE B 82 -36.78 -9.48 3.55
CA PHE B 82 -35.69 -9.87 2.67
C PHE B 82 -34.39 -9.81 3.46
N VAL B 83 -33.28 -10.01 2.75
CA VAL B 83 -31.95 -9.96 3.33
C VAL B 83 -31.07 -9.14 2.41
N ILE B 84 -30.68 -7.95 2.86
CA ILE B 84 -29.83 -7.08 2.06
C ILE B 84 -28.51 -6.86 2.80
N ARG B 85 -27.60 -6.12 2.19
CA ARG B 85 -26.30 -5.89 2.79
C ARG B 85 -26.40 -4.78 3.83
N GLY B 86 -25.36 -4.68 4.66
CA GLY B 86 -25.40 -3.73 5.77
C GLY B 86 -25.50 -2.30 5.31
N ASN B 87 -24.59 -1.87 4.43
CA ASN B 87 -24.52 -0.48 4.02
C ASN B 87 -25.58 -0.10 2.99
N GLU B 88 -26.60 -0.93 2.82
CA GLU B 88 -27.72 -0.62 1.95
C GLU B 88 -29.02 -0.44 2.72
N VAL B 89 -29.01 -0.63 4.04
CA VAL B 89 -30.22 -0.43 4.84
C VAL B 89 -30.72 1.00 4.73
N SER B 90 -29.82 1.97 4.55
CA SER B 90 -30.22 3.36 4.42
C SER B 90 -30.96 3.65 3.13
N GLN B 91 -31.15 2.66 2.26
CA GLN B 91 -31.88 2.87 1.01
C GLN B 91 -33.36 2.52 1.13
N ILE B 92 -33.77 1.85 2.19
CA ILE B 92 -35.19 1.48 2.37
C ILE B 92 -35.85 2.66 3.07
N ALA B 93 -36.23 3.65 2.26
CA ALA B 93 -36.83 4.87 2.79
C ALA B 93 -37.51 5.63 1.65
N PRO B 94 -38.56 6.40 1.95
CA PRO B 94 -39.23 7.15 0.89
C PRO B 94 -38.29 8.16 0.24
N GLY B 95 -38.17 8.08 -1.07
CA GLY B 95 -37.31 8.98 -1.80
C GLY B 95 -35.84 8.64 -1.72
N GLN B 96 -35.43 7.47 -2.20
CA GLN B 96 -34.04 7.06 -2.20
C GLN B 96 -33.69 6.47 -3.56
N THR B 97 -32.39 6.39 -3.83
CA THR B 97 -31.89 5.84 -5.09
C THR B 97 -30.71 4.93 -4.82
N GLY B 98 -30.53 3.96 -5.69
CA GLY B 98 -29.47 2.99 -5.55
C GLY B 98 -29.88 1.66 -6.17
N ASN B 99 -28.95 0.72 -6.11
CA ASN B 99 -29.19 -0.59 -6.72
C ASN B 99 -30.32 -1.34 -6.04
N ILE B 100 -30.74 -0.91 -4.85
CA ILE B 100 -31.81 -1.57 -4.12
C ILE B 100 -33.13 -0.83 -4.26
N ALA B 101 -33.10 0.50 -4.26
CA ALA B 101 -34.32 1.28 -4.27
C ALA B 101 -34.83 1.61 -5.67
N ASP B 102 -34.07 1.31 -6.71
CA ASP B 102 -34.53 1.53 -8.08
C ASP B 102 -34.87 0.26 -8.83
N TYR B 103 -34.30 -0.88 -8.45
CA TYR B 103 -34.45 -2.10 -9.22
C TYR B 103 -35.10 -3.24 -8.46
N ASN B 104 -35.02 -3.27 -7.14
CA ASN B 104 -35.53 -4.41 -6.38
C ASN B 104 -36.74 -4.06 -5.52
N TYR B 105 -36.63 -3.08 -4.64
CA TYR B 105 -37.72 -2.75 -3.73
C TYR B 105 -37.82 -1.23 -3.60
N LYS B 106 -38.92 -0.66 -4.09
CA LYS B 106 -39.13 0.77 -4.07
C LYS B 106 -40.31 1.12 -3.18
N LEU B 107 -40.07 1.98 -2.19
CA LEU B 107 -41.10 2.43 -1.27
C LEU B 107 -41.66 3.77 -1.72
N PRO B 108 -42.97 3.91 -1.79
CA PRO B 108 -43.56 5.16 -2.28
C PRO B 108 -43.25 6.33 -1.36
N ASP B 109 -43.32 7.53 -1.93
CA ASP B 109 -43.04 8.74 -1.17
C ASP B 109 -44.09 9.01 -0.10
N ASP B 110 -45.28 8.42 -0.22
CA ASP B 110 -46.38 8.61 0.73
C ASP B 110 -46.44 7.46 1.72
N PHE B 111 -45.28 6.96 2.14
CA PHE B 111 -45.22 5.83 3.06
C PHE B 111 -45.97 6.15 4.35
N THR B 112 -46.49 5.12 5.00
CA THR B 112 -47.20 5.29 6.25
C THR B 112 -46.79 4.27 7.31
N GLY B 113 -46.22 3.14 6.92
CA GLY B 113 -45.79 2.11 7.83
C GLY B 113 -44.54 2.51 8.58
N CYS B 114 -43.70 1.52 8.90
CA CYS B 114 -42.53 1.82 9.71
C CYS B 114 -41.52 0.69 9.59
N VAL B 115 -40.31 1.02 9.16
CA VAL B 115 -39.27 0.07 8.79
C VAL B 115 -38.52 -0.39 10.04
N ILE B 116 -38.05 -1.63 10.03
CA ILE B 116 -37.17 -2.17 11.07
C ILE B 116 -36.16 -3.10 10.40
N ALA B 117 -34.96 -3.18 10.99
CA ALA B 117 -33.91 -4.03 10.45
C ALA B 117 -32.90 -4.35 11.55
N TRP B 118 -32.34 -5.55 11.49
CA TRP B 118 -31.38 -5.98 12.50
C TRP B 118 -30.33 -6.88 11.86
N ASN B 119 -29.21 -7.06 12.57
CA ASN B 119 -28.10 -7.85 12.09
C ASN B 119 -28.37 -9.34 12.32
N SER B 120 -27.94 -10.16 11.39
CA SER B 120 -28.10 -11.61 11.47
C SER B 120 -26.86 -12.33 10.98
N ASN B 121 -25.68 -11.86 11.42
CA ASN B 121 -24.43 -12.41 10.91
C ASN B 121 -24.22 -13.85 11.34
N LYS B 122 -24.80 -14.24 12.47
CA LYS B 122 -24.54 -15.57 13.02
C LYS B 122 -25.43 -16.65 12.43
N LEU B 123 -26.42 -16.30 11.63
CA LEU B 123 -27.35 -17.27 11.06
C LEU B 123 -27.21 -17.40 9.56
N ASP B 124 -27.18 -16.28 8.83
CA ASP B 124 -27.23 -16.28 7.38
C ASP B 124 -25.86 -16.23 6.72
N SER B 125 -24.81 -16.67 7.42
CA SER B 125 -23.46 -16.60 6.90
C SER B 125 -22.71 -17.89 7.18
N LYS B 126 -22.27 -18.56 6.12
CA LYS B 126 -21.51 -19.79 6.21
C LYS B 126 -20.10 -19.56 5.70
N VAL B 127 -19.12 -20.07 6.43
CA VAL B 127 -17.73 -19.97 5.98
C VAL B 127 -17.57 -20.75 4.69
N GLY B 128 -17.12 -20.06 3.64
CA GLY B 128 -17.07 -20.63 2.31
C GLY B 128 -18.03 -20.01 1.33
N GLY B 129 -18.90 -19.09 1.78
CA GLY B 129 -19.79 -18.39 0.89
C GLY B 129 -21.21 -18.91 0.92
N ASN B 130 -22.17 -18.01 1.07
CA ASN B 130 -23.60 -18.34 1.06
C ASN B 130 -24.20 -17.70 -0.19
N TYR B 131 -24.41 -18.51 -1.22
CA TYR B 131 -24.79 -18.02 -2.54
C TYR B 131 -26.28 -18.17 -2.82
N ASN B 132 -27.14 -17.96 -1.82
CA ASN B 132 -28.59 -18.12 -2.01
C ASN B 132 -29.33 -16.79 -2.03
N TYR B 133 -28.67 -15.68 -1.75
CA TYR B 133 -29.30 -14.37 -1.75
C TYR B 133 -28.85 -13.59 -2.98
N ARG B 134 -29.82 -13.12 -3.75
CA ARG B 134 -29.61 -12.85 -5.18
C ARG B 134 -30.14 -11.50 -5.66
N TYR B 135 -29.74 -10.41 -5.02
CA TYR B 135 -30.18 -9.09 -5.46
C TYR B 135 -29.89 -8.86 -6.94
N ARG B 136 -30.83 -8.21 -7.62
CA ARG B 136 -30.73 -7.93 -9.03
C ARG B 136 -30.12 -6.54 -9.24
N LEU B 137 -29.31 -6.41 -10.30
CA LEU B 137 -28.59 -5.18 -10.55
C LEU B 137 -28.74 -4.62 -11.96
N PHE B 138 -29.55 -5.23 -12.82
CA PHE B 138 -29.76 -4.75 -14.17
C PHE B 138 -31.25 -4.78 -14.49
N ARG B 139 -31.76 -3.69 -15.05
CA ARG B 139 -33.15 -3.62 -15.45
C ARG B 139 -33.32 -2.47 -16.45
N LYS B 140 -34.32 -2.60 -17.31
CA LYS B 140 -34.50 -1.62 -18.37
C LYS B 140 -35.02 -0.29 -17.85
N SER B 141 -35.78 -0.31 -16.77
CA SER B 141 -36.36 0.90 -16.21
C SER B 141 -36.43 0.81 -14.70
N ASN B 142 -36.61 1.95 -14.06
CA ASN B 142 -36.76 1.99 -12.61
C ASN B 142 -38.10 1.39 -12.20
N LEU B 143 -38.08 0.67 -11.09
CA LEU B 143 -39.29 0.04 -10.58
C LEU B 143 -40.30 1.08 -10.11
N LYS B 144 -41.56 0.73 -10.19
CA LYS B 144 -42.63 1.55 -9.64
C LYS B 144 -42.86 1.19 -8.19
N PRO B 145 -43.52 2.06 -7.42
CA PRO B 145 -43.73 1.77 -6.00
C PRO B 145 -44.50 0.48 -5.78
N PHE B 146 -43.92 -0.41 -4.97
CA PHE B 146 -44.55 -1.67 -4.57
C PHE B 146 -44.81 -2.60 -5.75
N GLU B 147 -43.81 -2.76 -6.62
CA GLU B 147 -43.88 -3.75 -7.69
C GLU B 147 -42.84 -4.84 -7.45
N ARG B 148 -43.01 -5.95 -8.16
CA ARG B 148 -42.13 -7.10 -8.03
C ARG B 148 -41.79 -7.63 -9.42
N ASP B 149 -40.52 -7.94 -9.64
CA ASP B 149 -40.05 -8.45 -10.93
C ASP B 149 -39.15 -9.64 -10.67
N ILE B 150 -39.61 -10.83 -11.07
CA ILE B 150 -38.89 -12.07 -10.88
C ILE B 150 -38.38 -12.65 -12.21
N SER B 151 -38.61 -11.94 -13.31
CA SER B 151 -38.15 -12.39 -14.62
C SER B 151 -36.63 -12.56 -14.63
N THR B 152 -36.15 -13.42 -15.52
CA THR B 152 -34.75 -13.78 -15.56
C THR B 152 -34.22 -13.72 -17.00
N GLU B 153 -34.82 -12.88 -17.82
CA GLU B 153 -34.33 -12.68 -19.18
C GLU B 153 -32.94 -12.06 -19.14
N ILE B 154 -32.24 -12.17 -20.27
CA ILE B 154 -30.87 -11.69 -20.37
C ILE B 154 -30.89 -10.21 -20.74
N TYR B 155 -30.14 -9.40 -19.99
CA TYR B 155 -30.12 -7.96 -20.23
C TYR B 155 -29.30 -7.65 -21.47
N GLN B 156 -29.89 -6.87 -22.39
CA GLN B 156 -29.25 -6.51 -23.64
C GLN B 156 -28.64 -5.12 -23.49
N ALA B 157 -27.31 -5.07 -23.41
CA ALA B 157 -26.61 -3.81 -23.23
C ALA B 157 -26.32 -3.10 -24.54
N GLY B 158 -25.73 -3.80 -25.50
CA GLY B 158 -25.39 -3.22 -26.79
C GLY B 158 -26.60 -3.05 -27.69
N ASN B 159 -26.36 -3.19 -28.99
CA ASN B 159 -27.41 -3.06 -29.98
C ASN B 159 -27.66 -4.35 -30.76
N LYS B 160 -26.88 -5.39 -30.51
CA LYS B 160 -27.07 -6.67 -31.18
C LYS B 160 -27.75 -7.67 -30.25
N PRO B 161 -28.89 -8.22 -30.65
CA PRO B 161 -29.59 -9.17 -29.78
C PRO B 161 -28.76 -10.42 -29.56
N CYS B 162 -28.93 -11.02 -28.37
CA CYS B 162 -28.17 -12.20 -28.00
C CYS B 162 -29.01 -13.47 -27.89
N ASN B 163 -30.33 -13.38 -28.05
CA ASN B 163 -31.20 -14.56 -28.08
C ASN B 163 -31.03 -15.44 -26.86
N GLY B 164 -30.93 -14.83 -25.68
CA GLY B 164 -30.99 -15.56 -24.43
C GLY B 164 -29.75 -16.35 -24.07
N VAL B 165 -28.57 -15.86 -24.42
CA VAL B 165 -27.33 -16.50 -24.05
C VAL B 165 -26.35 -15.44 -23.57
N ALA B 166 -25.50 -15.78 -22.60
CA ALA B 166 -24.48 -14.87 -22.14
C ALA B 166 -23.44 -14.63 -23.23
N GLY B 167 -22.52 -13.72 -22.98
CA GLY B 167 -21.50 -13.38 -23.96
C GLY B 167 -20.99 -11.97 -23.84
N VAL B 168 -21.03 -11.22 -24.93
CA VAL B 168 -20.57 -9.83 -24.92
C VAL B 168 -21.79 -8.91 -24.95
N ASN B 169 -21.78 -7.90 -24.10
CA ASN B 169 -22.86 -6.93 -23.97
C ASN B 169 -24.20 -7.57 -23.61
N CYS B 170 -24.18 -8.78 -23.05
CA CYS B 170 -25.39 -9.45 -22.57
C CYS B 170 -25.03 -10.20 -21.30
N TYR B 171 -25.69 -9.85 -20.20
CA TYR B 171 -25.29 -10.32 -18.88
C TYR B 171 -26.46 -10.98 -18.15
N PHE B 172 -26.11 -11.78 -17.16
CA PHE B 172 -27.11 -12.37 -16.28
C PHE B 172 -27.45 -11.40 -15.16
N PRO B 173 -28.72 -11.00 -15.01
CA PRO B 173 -29.03 -9.86 -14.13
C PRO B 173 -29.05 -10.18 -12.64
N LEU B 174 -28.53 -11.33 -12.20
CA LEU B 174 -28.49 -11.65 -10.78
C LEU B 174 -27.04 -11.80 -10.33
N GLN B 175 -26.76 -11.26 -9.14
CA GLN B 175 -25.38 -11.10 -8.69
C GLN B 175 -25.22 -11.52 -7.22
N SER B 176 -25.62 -12.74 -6.90
CA SER B 176 -25.74 -13.26 -5.53
C SER B 176 -24.63 -12.78 -4.61
N TYR B 177 -25.03 -12.41 -3.39
CA TYR B 177 -24.10 -11.97 -2.35
C TYR B 177 -23.16 -13.09 -1.95
N GLY B 178 -21.89 -12.75 -1.74
CA GLY B 178 -20.95 -13.69 -1.16
C GLY B 178 -20.80 -13.57 0.35
N PHE B 179 -21.82 -13.97 1.11
CA PHE B 179 -21.77 -13.78 2.56
C PHE B 179 -20.77 -14.71 3.20
N ARG B 180 -20.01 -14.19 4.16
CA ARG B 180 -19.05 -14.93 4.95
C ARG B 180 -19.01 -14.31 6.35
N PRO B 181 -18.58 -15.07 7.36
CA PRO B 181 -18.55 -14.51 8.72
C PRO B 181 -17.44 -13.52 8.95
N THR B 182 -16.33 -13.61 8.22
CA THR B 182 -15.20 -12.72 8.42
C THR B 182 -15.29 -11.49 7.51
N TYR B 183 -16.43 -10.82 7.56
CA TYR B 183 -16.66 -9.58 6.82
C TYR B 183 -16.65 -8.40 7.78
N GLY B 184 -16.83 -7.21 7.24
CA GLY B 184 -16.97 -6.03 8.05
C GLY B 184 -18.40 -5.54 8.11
N VAL B 185 -18.74 -4.91 9.23
CA VAL B 185 -20.09 -4.34 9.37
C VAL B 185 -20.34 -3.39 8.22
N GLY B 186 -21.44 -3.58 7.52
CA GLY B 186 -21.69 -2.95 6.24
C GLY B 186 -21.58 -3.90 5.08
N HIS B 187 -21.08 -5.12 5.31
CA HIS B 187 -21.08 -6.18 4.33
C HIS B 187 -21.66 -7.48 4.87
N GLN B 188 -22.17 -7.47 6.10
CA GLN B 188 -22.80 -8.62 6.72
C GLN B 188 -24.30 -8.59 6.48
N PRO B 189 -24.96 -9.74 6.55
CA PRO B 189 -26.39 -9.77 6.22
C PRO B 189 -27.22 -9.06 7.27
N TYR B 190 -28.21 -8.30 6.81
CA TYR B 190 -29.13 -7.57 7.67
C TYR B 190 -30.56 -7.85 7.24
N ARG B 191 -31.24 -8.70 7.98
CA ARG B 191 -32.64 -9.01 7.71
C ARG B 191 -33.47 -7.74 7.85
N VAL B 192 -34.57 -7.65 7.13
CA VAL B 192 -35.41 -6.46 7.10
C VAL B 192 -36.87 -6.89 7.15
N VAL B 193 -37.67 -6.12 7.87
CA VAL B 193 -39.13 -6.28 7.90
C VAL B 193 -39.72 -4.90 7.74
N VAL B 194 -40.71 -4.76 6.86
CA VAL B 194 -41.28 -3.47 6.52
C VAL B 194 -42.79 -3.54 6.72
N LEU B 195 -43.25 -3.14 7.90
CA LEU B 195 -44.66 -3.06 8.20
C LEU B 195 -45.25 -1.85 7.50
N SER B 196 -46.38 -2.03 6.85
CA SER B 196 -47.06 -0.95 6.12
C SER B 196 -48.55 -1.04 6.36
N PHE B 197 -49.15 0.08 6.75
CA PHE B 197 -50.55 0.10 7.16
C PHE B 197 -51.43 0.75 6.09
N GLU B 198 -52.67 0.28 6.02
CA GLU B 198 -53.64 0.78 5.05
C GLU B 198 -55.01 0.83 5.70
N LEU B 199 -55.70 1.97 5.54
CA LEU B 199 -57.05 2.17 6.07
C LEU B 199 -57.88 2.82 4.96
N THR B 205 -61.64 -2.99 12.30
CA THR B 205 -60.55 -3.76 11.71
C THR B 205 -59.64 -4.27 12.83
N VAL B 206 -58.48 -4.77 12.42
CA VAL B 206 -57.41 -5.11 13.37
C VAL B 206 -57.04 -3.85 14.13
N CYS B 207 -56.81 -4.00 15.44
CA CYS B 207 -56.47 -2.86 16.29
C CYS B 207 -55.53 -3.30 17.39
C1 NAG C . -3.03 -24.99 10.13
C2 NAG C . -4.19 -25.08 11.10
C3 NAG C . -4.41 -26.53 11.53
C4 NAG C . -4.56 -27.42 10.31
C5 NAG C . -3.42 -27.19 9.31
C6 NAG C . -3.64 -27.91 8.00
C7 NAG C . -4.83 -23.24 12.60
C8 NAG C . -4.47 -22.46 13.81
N2 NAG C . -3.99 -24.23 12.26
O3 NAG C . -5.57 -26.60 12.35
O4 NAG C . -4.49 -28.79 10.72
O5 NAG C . -3.29 -25.80 9.00
O6 NAG C . -3.84 -27.00 6.94
O7 NAG C . -5.84 -23.00 11.94
C1 NAG C . -5.77 -29.48 10.63
C2 NAG C . -6.29 -29.66 12.05
C3 NAG C . -7.64 -30.38 12.02
C4 NAG C . -8.61 -29.65 11.11
C5 NAG C . -7.99 -29.45 9.72
C6 NAG C . -8.85 -28.62 8.80
C7 NAG C . -4.97 -29.96 14.10
C8 NAG C . -3.98 -30.84 14.81
N2 NAG C . -5.35 -30.38 12.88
O3 NAG C . -8.17 -30.44 13.35
O4 NAG C . -9.81 -30.40 10.97
O5 NAG C . -6.74 -28.76 9.85
O6 NAG C . -10.24 -28.83 9.06
O7 NAG C . -5.41 -28.94 14.59
C1 NAG D . -19.67 10.20 -14.77
C2 NAG D . -19.47 9.34 -13.51
C3 NAG D . -20.39 9.84 -12.41
C4 NAG D . -20.18 11.33 -12.17
C5 NAG D . -20.29 12.11 -13.47
C6 NAG D . -19.91 13.56 -13.33
C7 NAG D . -19.15 6.95 -13.07
C8 NAG D . -19.49 5.56 -13.48
N2 NAG D . -19.70 7.94 -13.79
O3 NAG D . -20.13 9.09 -11.23
O4 NAG D . -21.18 11.83 -11.27
O5 NAG D . -19.41 11.55 -14.46
O6 NAG D . -19.00 13.96 -14.33
O7 NAG D . -18.39 7.19 -12.13
C1 NAG D . -20.77 11.69 -9.89
C2 NAG D . -21.27 12.89 -9.09
C3 NAG D . -20.91 12.71 -7.62
C4 NAG D . -21.43 11.37 -7.10
C5 NAG D . -20.92 10.24 -7.99
C6 NAG D . -21.49 8.89 -7.61
C7 NAG D . -21.42 15.00 -10.31
C8 NAG D . -20.68 16.23 -10.76
N2 NAG D . -20.70 14.13 -9.60
O3 NAG D . -21.49 13.77 -6.86
O4 NAG D . -20.98 11.16 -5.77
O5 NAG D . -21.30 10.49 -9.35
O6 NAG D . -22.17 8.30 -8.71
O7 NAG D . -22.59 14.81 -10.60
C1 NAG E . -3.78 -5.10 -26.78
C2 NAG E . -3.61 -3.90 -27.74
C3 NAG E . -4.39 -4.11 -29.03
C4 NAG E . -3.97 -5.43 -29.66
C5 NAG E . -4.28 -6.55 -28.69
C6 NAG E . -3.92 -7.92 -29.20
C7 NAG E . -3.28 -2.02 -26.18
C8 NAG E . -3.86 -0.76 -25.63
N2 NAG E . -4.02 -2.66 -27.10
O3 NAG E . -4.10 -3.04 -29.92
O4 NAG E . -4.55 -5.67 -30.94
O5 NAG E . -3.51 -6.34 -27.49
O6 NAG E . -4.18 -8.92 -28.23
O7 NAG E . -2.20 -2.46 -25.81
C1 NAG E . -5.91 -5.27 -31.15
C2 NAG E . -6.13 -5.27 -32.66
C3 NAG E . -7.58 -4.96 -33.02
C4 NAG E . -8.52 -5.88 -32.26
C5 NAG E . -8.22 -5.80 -30.77
C6 NAG E . -9.06 -6.76 -29.94
C7 NAG E . -5.04 -3.08 -33.34
C8 NAG E . -5.94 -2.31 -32.41
N2 NAG E . -5.19 -4.42 -33.40
O3 NAG E . -7.76 -5.14 -34.43
O4 NAG E . -9.88 -5.49 -32.48
O5 NAG E . -6.84 -6.15 -30.53
O6 NAG E . -9.50 -7.86 -30.71
O7 NAG E . -4.20 -2.51 -34.03
C1 NAG F . 24.80 23.26 22.99
C2 NAG F . 26.03 23.46 22.11
C3 NAG F . 27.17 24.07 22.91
C4 NAG F . 26.71 25.35 23.59
C5 NAG F . 25.46 25.08 24.42
C6 NAG F . 24.88 26.34 25.03
C7 NAG F . 26.20 21.89 20.22
C8 NAG F . 26.69 20.56 19.77
N2 NAG F . 26.44 22.20 21.50
O3 NAG F . 28.26 24.33 22.05
O4 NAG F . 27.74 25.83 24.44
O5 NAG F . 24.43 24.52 23.60
O6 NAG F . 23.46 26.24 25.17
O7 NAG F . 25.61 22.67 19.48
C1 NAG F . 28.27 27.07 23.93
C2 NAG F . 29.37 27.56 24.87
C3 NAG F . 29.98 28.86 24.34
C4 NAG F . 30.45 28.66 22.89
C5 NAG F . 29.31 28.12 22.04
C6 NAG F . 29.73 27.80 20.62
C7 NAG F . 29.09 26.89 27.21
C8 NAG F . 28.49 27.25 28.54
N2 NAG F . 28.87 27.76 26.21
O3 NAG F . 31.07 29.23 25.15
O4 NAG F . 30.89 29.90 22.36
O5 NAG F . 28.80 26.91 22.60
O6 NAG F . 30.81 26.87 20.60
O7 NAG F . 29.73 25.86 27.05
C1 NAG G . -3.80 15.23 24.39
C2 NAG G . -2.59 14.83 25.24
C3 NAG G . -3.05 14.08 26.48
C4 NAG G . -4.10 14.89 27.24
C5 NAG G . -5.23 15.31 26.30
C6 NAG G . -6.23 16.23 26.95
C7 NAG G . -0.58 14.52 23.86
C8 NAG G . 0.26 13.53 23.11
N2 NAG G . -1.67 14.02 24.46
O3 NAG G . -1.94 13.82 27.32
O4 NAG G . -4.63 14.12 28.30
O5 NAG G . -4.70 16.01 25.18
O6 NAG G . -5.96 17.59 26.66
O7 NAG G . -0.31 15.71 23.92
C1 NAG G . -4.27 14.69 29.57
C2 NAG G . -4.63 13.68 30.67
C3 NAG G . -4.23 14.23 32.03
C4 NAG G . -2.76 14.62 32.04
C5 NAG G . -2.46 15.58 30.89
C6 NAG G . -0.99 15.89 30.78
C7 NAG G . -6.50 12.16 30.27
C8 NAG G . -7.99 12.00 30.28
N2 NAG G . -6.05 13.36 30.63
O3 NAG G . -4.49 13.24 33.02
O4 NAG G . -2.43 15.25 33.28
O5 NAG G . -2.86 14.99 29.65
O6 NAG G . -0.22 15.10 31.66
O7 NAG G . -5.76 11.25 29.94
C1 NAG H . -37.65 -17.58 17.74
C2 NAG H . -38.05 -17.03 19.11
C3 NAG H . -37.20 -17.67 20.21
C4 NAG H . -37.19 -19.18 20.07
C5 NAG H . -36.84 -19.59 18.64
C6 NAG H . -36.89 -21.11 18.49
C7 NAG H . -38.94 -14.78 18.99
C8 NAG H . -38.62 -13.32 18.88
N2 NAG H . -37.90 -15.59 19.14
O3 NAG H . -37.75 -17.31 21.49
O4 NAG H . -36.21 -19.73 20.97
O5 NAG H . -37.76 -19.00 17.74
O6 NAG H . -38.15 -21.50 17.96
O7 NAG H . -40.09 -15.20 18.96
C1 NAG H . -36.89 -20.20 22.15
C2 NAG H . -36.45 -21.63 22.45
C3 NAG H . -37.14 -22.16 23.70
C4 NAG H . -37.03 -21.16 24.85
C5 NAG H . -37.44 -19.77 24.41
C6 NAG H . -37.26 -18.76 25.53
C7 NAG H . -35.78 -22.85 20.47
C8 NAG H . -36.14 -23.97 19.53
N2 NAG H . -36.74 -22.49 21.33
O3 NAG H . -36.54 -23.41 24.09
O4 NAG H . -37.87 -21.59 25.93
O5 NAG H . -36.65 -19.38 23.29
O6 NAG H . -37.81 -17.50 25.14
O7 NAG H . -34.69 -22.31 20.45
C1 NAG I . -13.16 4.32 19.94
C2 NAG I . -14.24 5.39 20.15
C3 NAG I . -14.27 5.85 21.59
C4 NAG I . -14.44 4.66 22.52
C5 NAG I . -13.35 3.63 22.25
C6 NAG I . -13.51 2.37 23.07
C7 NAG I . -14.57 6.60 18.03
C8 NAG I . -14.25 7.84 17.24
N2 NAG I . -14.03 6.52 19.24
O3 NAG I . -15.34 6.77 21.78
O4 NAG I . -14.37 5.08 23.88
O5 NAG I . -13.38 3.25 20.87
O6 NAG I . -12.30 1.62 23.10
O7 NAG I . -15.28 5.71 17.58
#